data_9DSV
#
_entry.id   9DSV
#
_cell.length_a   153.596
_cell.length_b   153.596
_cell.length_c   86.553
_cell.angle_alpha   90.00
_cell.angle_beta   90.00
_cell.angle_gamma   120.00
#
_symmetry.space_group_name_H-M   'P 31 2 1'
#
loop_
_entity.id
_entity.type
_entity.pdbx_description
1 polymer 'Threonylcarbamoyl-AMP synthase'
2 non-polymer N-carboxy-L-threonine
3 non-polymer 'MAGNESIUM ION'
4 non-polymer "ADENOSINE-5'-TRIPHOSPHATE"
5 non-polymer 'ACETATE ION'
6 non-polymer threonylcarbamoyladenylate
7 non-polymer DIPHOSPHATE
8 water water
#
_entity_poly.entity_id   1
_entity_poly.type   'polypeptide(L)'
_entity_poly.pdbx_seq_one_letter_code
;GSHMASTRVLKVDPLFPDEKVLKEAAELLRNGEVIIFPTETVYGIGADAYNEEACKKIFKLKERPADNPLIVHIHSFKQL
EEIAEGYEPHLDFLKKFWPGPLTVIFRKKSEKIPPVVTADLPTVAVRMPAHPVALKLIELFGHPIAAPSANISGRPSATN
VKHVIEDFMGKVKLIIDAGDTPFGLESTIVDLTKEKPVLLRPGPVEVERLKELFPELVVPDFVRKGNFKGRPLAPGMKYR
HYAPLKPLILVEDLTKMEEVLKKYPDHVVICVEERKELYDDRIVVGSLKNPYSIAQNIFSALREAEKMGKEYIIVEGFEE
RGILFAVMNRLRKAATEIVR
;
_entity_poly.pdbx_strand_id   A,B
#
# COMPACT_ATOMS: atom_id res chain seq x y z
N ALA A 5 -13.83 -24.47 8.31
CA ALA A 5 -14.60 -23.20 8.37
C ALA A 5 -14.98 -22.71 6.96
N SER A 6 -14.11 -22.96 5.97
CA SER A 6 -14.35 -22.58 4.59
C SER A 6 -13.94 -21.12 4.36
N THR A 7 -12.65 -20.91 4.13
CA THR A 7 -11.99 -19.63 4.37
C THR A 7 -12.11 -18.72 3.14
N ARG A 8 -12.61 -17.50 3.34
CA ARG A 8 -12.61 -16.47 2.32
C ARG A 8 -11.30 -15.69 2.40
N VAL A 9 -10.68 -15.47 1.23
CA VAL A 9 -9.47 -14.66 1.13
C VAL A 9 -9.85 -13.45 0.30
N LEU A 10 -9.88 -12.27 0.95
CA LEU A 10 -10.34 -11.06 0.30
C LEU A 10 -9.16 -10.10 0.17
N LYS A 11 -8.84 -9.75 -1.08
CA LYS A 11 -7.75 -8.86 -1.38
C LYS A 11 -8.24 -7.41 -1.20
N VAL A 12 -7.39 -6.55 -0.63
CA VAL A 12 -7.72 -5.13 -0.54
C VAL A 12 -6.47 -4.32 -0.85
N ASP A 13 -6.70 -3.10 -1.32
CA ASP A 13 -5.63 -2.12 -1.45
C ASP A 13 -5.12 -1.73 -0.07
N PRO A 14 -3.79 -1.64 0.16
CA PRO A 14 -3.26 -1.26 1.48
C PRO A 14 -3.48 0.20 1.89
N LEU A 15 -3.63 1.10 0.92
CA LEU A 15 -3.77 2.54 1.18
C LEU A 15 -5.24 2.91 1.41
N PHE A 16 -6.13 2.39 0.56
CA PHE A 16 -7.55 2.72 0.55
C PHE A 16 -8.36 1.44 0.44
N PRO A 17 -8.37 0.61 1.50
CA PRO A 17 -9.09 -0.66 1.44
C PRO A 17 -10.58 -0.46 1.23
N ASP A 18 -11.17 -1.40 0.50
CA ASP A 18 -12.61 -1.42 0.27
C ASP A 18 -13.32 -1.58 1.62
N GLU A 19 -14.04 -0.53 2.06
CA GLU A 19 -14.69 -0.55 3.36
C GLU A 19 -15.71 -1.70 3.47
N LYS A 20 -16.21 -2.23 2.34
CA LYS A 20 -17.16 -3.33 2.38
C LYS A 20 -16.46 -4.60 2.86
N VAL A 21 -15.20 -4.80 2.48
CA VAL A 21 -14.45 -5.93 3.00
C VAL A 21 -14.21 -5.73 4.50
N LEU A 22 -13.83 -4.51 4.88
CA LEU A 22 -13.56 -4.23 6.28
C LEU A 22 -14.83 -4.44 7.12
N LYS A 23 -15.99 -4.07 6.56
CA LYS A 23 -17.27 -4.24 7.22
C LYS A 23 -17.52 -5.72 7.46
N GLU A 24 -17.24 -6.56 6.46
CA GLU A 24 -17.44 -7.99 6.60
C GLU A 24 -16.58 -8.50 7.75
N ALA A 25 -15.34 -8.01 7.83
CA ALA A 25 -14.41 -8.42 8.86
C ALA A 25 -14.93 -7.98 10.24
N ALA A 26 -15.40 -6.73 10.32
CA ALA A 26 -15.93 -6.17 11.56
C ALA A 26 -17.08 -7.02 12.10
N GLU A 27 -17.96 -7.48 11.20
CA GLU A 27 -19.12 -8.28 11.57
C GLU A 27 -18.67 -9.58 12.22
N LEU A 28 -17.71 -10.26 11.58
N LEU A 28 -17.69 -10.25 11.60
CA LEU A 28 -17.13 -11.48 12.11
CA LEU A 28 -17.16 -11.49 12.12
C LEU A 28 -16.56 -11.25 13.50
C LEU A 28 -16.53 -11.27 13.50
N LEU A 29 -15.86 -10.13 13.69
CA LEU A 29 -15.28 -9.80 14.98
C LEU A 29 -16.38 -9.61 16.04
N ARG A 30 -17.49 -8.99 15.62
CA ARG A 30 -18.65 -8.78 16.49
C ARG A 30 -19.25 -10.12 16.89
N ASN A 31 -19.22 -11.10 15.98
CA ASN A 31 -19.75 -12.44 16.25
C ASN A 31 -18.77 -13.28 17.08
N GLY A 32 -17.64 -12.70 17.51
CA GLY A 32 -16.69 -13.43 18.32
C GLY A 32 -15.83 -14.39 17.49
N GLU A 33 -15.72 -14.12 16.18
CA GLU A 33 -14.86 -14.89 15.29
C GLU A 33 -13.44 -14.30 15.28
N VAL A 34 -12.51 -15.09 14.76
CA VAL A 34 -11.13 -14.70 14.58
C VAL A 34 -10.89 -14.43 13.10
N ILE A 35 -10.23 -13.31 12.79
CA ILE A 35 -9.87 -13.02 11.41
C ILE A 35 -8.38 -12.78 11.34
N ILE A 36 -7.84 -12.85 10.12
CA ILE A 36 -6.44 -12.54 9.89
C ILE A 36 -6.40 -11.30 9.00
N PHE A 37 -5.55 -10.34 9.39
CA PHE A 37 -5.46 -9.06 8.72
C PHE A 37 -4.00 -8.64 8.63
N PRO A 38 -3.64 -7.77 7.65
CA PRO A 38 -2.29 -7.23 7.54
C PRO A 38 -1.99 -6.11 8.52
N THR A 39 -0.71 -5.97 8.86
CA THR A 39 -0.18 -4.73 9.41
C THR A 39 1.12 -4.43 8.68
N GLU A 40 1.78 -3.33 9.07
CA GLU A 40 3.03 -2.92 8.46
C GLU A 40 4.19 -3.85 8.88
N THR A 41 3.99 -4.66 9.93
CA THR A 41 5.05 -5.52 10.45
C THR A 41 4.86 -6.93 9.90
N VAL A 42 3.95 -7.67 10.53
CA VAL A 42 3.56 -9.01 10.10
C VAL A 42 2.04 -9.07 10.09
N TYR A 43 1.48 -10.12 9.50
CA TYR A 43 0.05 -10.36 9.55
C TYR A 43 -0.32 -10.73 10.97
N GLY A 44 -1.50 -10.29 11.40
CA GLY A 44 -2.02 -10.62 12.71
C GLY A 44 -3.24 -11.53 12.62
N ILE A 45 -3.46 -12.28 13.70
CA ILE A 45 -4.64 -13.10 13.85
C ILE A 45 -5.40 -12.59 15.07
N GLY A 46 -6.57 -12.01 14.83
CA GLY A 46 -7.14 -11.08 15.79
C GLY A 46 -8.57 -11.46 16.17
N ALA A 47 -8.96 -11.01 17.38
CA ALA A 47 -10.32 -11.07 17.84
C ALA A 47 -10.62 -9.82 18.65
N ASP A 48 -11.92 -9.62 18.90
CA ASP A 48 -12.41 -8.61 19.81
C ASP A 48 -11.65 -8.70 21.14
N ALA A 49 -10.96 -7.62 21.51
CA ALA A 49 -10.09 -7.61 22.68
C ALA A 49 -10.91 -7.60 23.98
N TYR A 50 -12.21 -7.29 23.89
CA TYR A 50 -13.09 -7.30 25.05
C TYR A 50 -13.88 -8.61 25.11
N ASN A 51 -13.56 -9.56 24.22
CA ASN A 51 -14.30 -10.82 24.14
C ASN A 51 -13.39 -11.98 24.53
N GLU A 52 -13.53 -12.40 25.80
CA GLU A 52 -12.75 -13.48 26.40
C GLU A 52 -12.83 -14.74 25.55
N GLU A 53 -14.05 -15.16 25.20
CA GLU A 53 -14.25 -16.42 24.51
C GLU A 53 -13.56 -16.39 23.14
N ALA A 54 -13.60 -15.23 22.47
CA ALA A 54 -13.04 -15.10 21.12
C ALA A 54 -11.52 -15.11 21.16
N CYS A 55 -10.95 -14.50 22.20
CA CYS A 55 -9.50 -14.46 22.34
C CYS A 55 -8.96 -15.84 22.68
N LYS A 56 -9.72 -16.64 23.43
CA LYS A 56 -9.34 -18.01 23.72
C LYS A 56 -9.19 -18.79 22.42
N LYS A 57 -10.01 -18.48 21.41
CA LYS A 57 -9.92 -19.15 20.12
C LYS A 57 -8.56 -18.87 19.47
N ILE A 58 -7.98 -17.69 19.72
CA ILE A 58 -6.69 -17.34 19.14
C ILE A 58 -5.63 -18.33 19.62
N PHE A 59 -5.64 -18.61 20.94
CA PHE A 59 -4.72 -19.55 21.55
C PHE A 59 -4.91 -20.95 20.94
N LYS A 60 -6.17 -21.40 20.83
CA LYS A 60 -6.46 -22.73 20.32
C LYS A 60 -5.94 -22.85 18.89
N LEU A 61 -6.21 -21.83 18.07
CA LEU A 61 -5.84 -21.85 16.66
C LEU A 61 -4.32 -21.86 16.48
N LYS A 62 -3.60 -21.17 17.36
CA LYS A 62 -2.15 -21.07 17.24
C LYS A 62 -1.45 -22.21 17.98
N GLU A 63 -2.19 -22.91 18.85
CA GLU A 63 -1.62 -23.93 19.72
C GLU A 63 -0.62 -23.23 20.64
N ARG A 64 -1.08 -22.12 21.22
CA ARG A 64 -0.21 -21.18 21.91
C ARG A 64 -0.33 -21.35 23.43
N PRO A 65 0.79 -21.32 24.17
CA PRO A 65 0.73 -21.29 25.63
C PRO A 65 -0.11 -20.13 26.16
N ALA A 66 -0.90 -20.38 27.22
CA ALA A 66 -1.78 -19.38 27.80
C ALA A 66 -0.99 -18.27 28.50
N ASP A 67 0.29 -18.53 28.78
CA ASP A 67 1.11 -17.59 29.53
C ASP A 67 1.70 -16.52 28.59
N ASN A 68 1.53 -16.70 27.27
CA ASN A 68 2.05 -15.75 26.30
C ASN A 68 0.97 -14.71 25.96
N PRO A 69 1.07 -13.46 26.48
CA PRO A 69 0.03 -12.47 26.31
C PRO A 69 -0.05 -11.89 24.89
N LEU A 70 -1.23 -11.30 24.59
CA LEU A 70 -1.57 -10.79 23.28
CA LEU A 70 -1.56 -10.80 23.28
C LEU A 70 -1.40 -9.28 23.25
N ILE A 71 -0.94 -8.76 22.10
CA ILE A 71 -0.86 -7.33 21.89
C ILE A 71 -2.23 -6.81 21.48
N VAL A 72 -2.63 -5.70 22.10
CA VAL A 72 -3.91 -5.06 21.89
C VAL A 72 -3.69 -3.90 20.93
N HIS A 73 -4.40 -3.94 19.79
CA HIS A 73 -4.22 -2.99 18.71
C HIS A 73 -5.33 -1.95 18.74
N ILE A 74 -4.94 -0.68 18.68
CA ILE A 74 -5.85 0.45 18.82
C ILE A 74 -5.65 1.36 17.61
N HIS A 75 -6.61 2.28 17.40
CA HIS A 75 -6.53 3.21 16.28
C HIS A 75 -6.43 4.66 16.77
N SER A 76 -6.72 4.93 18.04
CA SER A 76 -6.70 6.31 18.51
C SER A 76 -6.10 6.41 19.91
N PHE A 77 -5.60 7.61 20.22
CA PHE A 77 -5.08 7.91 21.54
C PHE A 77 -6.20 7.86 22.57
N LYS A 78 -7.45 8.08 22.15
CA LYS A 78 -8.58 8.00 23.07
C LYS A 78 -8.72 6.58 23.59
N GLN A 79 -8.49 5.58 22.72
CA GLN A 79 -8.60 4.19 23.14
C GLN A 79 -7.54 3.87 24.19
N LEU A 80 -6.39 4.53 24.09
CA LEU A 80 -5.29 4.30 25.01
C LEU A 80 -5.77 4.60 26.44
N GLU A 81 -6.49 5.71 26.58
CA GLU A 81 -7.03 6.15 27.86
C GLU A 81 -8.00 5.12 28.44
N GLU A 82 -8.67 4.35 27.57
CA GLU A 82 -9.63 3.35 28.02
C GLU A 82 -8.95 2.11 28.58
N ILE A 83 -7.71 1.79 28.13
CA ILE A 83 -7.15 0.48 28.41
C ILE A 83 -5.90 0.55 29.30
N ALA A 84 -5.27 1.72 29.40
CA ALA A 84 -3.99 1.83 30.09
C ALA A 84 -3.96 3.05 31.02
N GLU A 85 -3.09 2.99 32.04
CA GLU A 85 -2.88 4.13 32.93
C GLU A 85 -1.39 4.37 33.10
N GLY A 86 -1.04 5.65 33.32
CA GLY A 86 0.32 6.07 33.62
C GLY A 86 1.15 6.35 32.37
N TYR A 87 0.46 6.45 31.22
CA TYR A 87 1.09 6.65 29.94
C TYR A 87 1.31 8.15 29.67
N GLU A 88 0.63 9.00 30.44
CA GLU A 88 0.56 10.43 30.19
C GLU A 88 1.95 11.05 30.04
N PRO A 89 2.96 10.66 30.85
CA PRO A 89 4.29 11.23 30.68
C PRO A 89 4.99 10.81 29.38
N HIS A 90 4.50 9.75 28.73
CA HIS A 90 5.13 9.23 27.52
C HIS A 90 4.34 9.58 26.26
N LEU A 91 3.26 10.38 26.38
CA LEU A 91 2.44 10.75 25.23
C LEU A 91 3.30 11.41 24.14
N ASP A 92 4.25 12.29 24.51
CA ASP A 92 5.10 12.95 23.52
C ASP A 92 5.87 11.89 22.73
N PHE A 93 6.37 10.88 23.43
CA PHE A 93 7.09 9.78 22.80
C PHE A 93 6.16 9.03 21.84
N LEU A 94 4.97 8.67 22.33
CA LEU A 94 4.04 7.86 21.55
C LEU A 94 3.62 8.61 20.29
N LYS A 95 3.37 9.92 20.42
CA LYS A 95 2.90 10.72 19.30
C LYS A 95 3.99 10.85 18.24
N LYS A 96 5.23 10.47 18.60
CA LYS A 96 6.36 10.54 17.68
C LYS A 96 6.50 9.22 16.89
N PHE A 97 5.90 8.12 17.38
CA PHE A 97 6.14 6.81 16.79
C PHE A 97 4.84 6.15 16.36
N TRP A 98 3.69 6.68 16.81
CA TRP A 98 2.40 6.11 16.50
C TRP A 98 1.57 6.97 15.56
N PRO A 99 0.80 6.39 14.61
CA PRO A 99 0.86 4.96 14.32
C PRO A 99 2.24 4.53 13.84
N GLY A 100 2.61 3.28 14.11
CA GLY A 100 3.92 2.81 13.72
C GLY A 100 4.29 1.47 14.36
N PRO A 101 5.44 0.91 13.96
CA PRO A 101 5.84 -0.44 14.35
C PRO A 101 6.44 -0.51 15.76
N LEU A 102 5.68 0.01 16.73
CA LEU A 102 6.07 0.05 18.13
C LEU A 102 4.92 -0.49 18.99
N THR A 103 5.25 -1.43 19.86
CA THR A 103 4.37 -1.89 20.92
C THR A 103 4.94 -1.41 22.25
N VAL A 104 4.06 -0.97 23.14
CA VAL A 104 4.49 -0.44 24.43
C VAL A 104 3.71 -1.16 25.55
N ILE A 105 4.43 -1.48 26.64
CA ILE A 105 3.84 -2.08 27.82
C ILE A 105 3.47 -0.97 28.82
N PHE A 106 2.20 -0.99 29.24
CA PHE A 106 1.71 -0.13 30.31
C PHE A 106 0.95 -0.97 31.34
N ARG A 107 0.71 -0.37 32.51
CA ARG A 107 -0.24 -0.91 33.47
C ARG A 107 -1.63 -0.92 32.85
N LYS A 108 -2.34 -2.03 33.05
CA LYS A 108 -3.69 -2.22 32.54
C LYS A 108 -4.67 -1.45 33.43
N LYS A 109 -5.48 -0.57 32.83
CA LYS A 109 -6.60 0.03 33.53
C LYS A 109 -7.83 -0.85 33.31
N SER A 110 -8.31 -0.84 32.06
CA SER A 110 -9.49 -1.58 31.63
C SER A 110 -9.67 -2.88 32.41
N GLU A 111 -10.91 -3.06 32.92
CA GLU A 111 -11.43 -4.39 33.22
C GLU A 111 -12.20 -4.92 32.00
N LYS A 112 -12.30 -4.10 30.95
CA LYS A 112 -12.90 -4.53 29.70
C LYS A 112 -12.02 -5.58 29.00
N ILE A 113 -10.69 -5.48 29.15
CA ILE A 113 -9.77 -6.45 28.54
C ILE A 113 -9.67 -7.66 29.45
N PRO A 114 -10.22 -8.84 29.07
CA PRO A 114 -10.17 -10.01 29.92
C PRO A 114 -8.76 -10.46 30.27
N PRO A 115 -8.59 -11.22 31.38
CA PRO A 115 -7.30 -11.74 31.79
C PRO A 115 -6.58 -12.57 30.72
N VAL A 116 -7.34 -13.34 29.93
CA VAL A 116 -6.80 -14.23 28.91
C VAL A 116 -5.92 -13.45 27.92
N VAL A 117 -6.32 -12.21 27.60
CA VAL A 117 -5.60 -11.38 26.65
C VAL A 117 -4.23 -11.01 27.22
N THR A 118 -4.19 -10.69 28.52
CA THR A 118 -2.99 -10.21 29.16
C THR A 118 -2.27 -11.30 29.95
N ALA A 119 -2.72 -12.56 29.82
CA ALA A 119 -2.16 -13.69 30.57
C ALA A 119 -2.10 -13.37 32.07
N ASP A 120 -3.20 -12.82 32.60
CA ASP A 120 -3.38 -12.56 34.02
C ASP A 120 -2.41 -11.50 34.54
N LEU A 121 -1.64 -10.84 33.65
CA LEU A 121 -0.66 -9.86 34.08
C LEU A 121 -1.38 -8.55 34.40
N PRO A 122 -0.77 -7.65 35.21
CA PRO A 122 -1.29 -6.31 35.41
C PRO A 122 -0.83 -5.30 34.37
N THR A 123 -0.09 -5.77 33.35
CA THR A 123 0.33 -4.93 32.25
C THR A 123 -0.42 -5.32 30.97
N VAL A 124 -0.51 -4.37 30.03
CA VAL A 124 -1.06 -4.63 28.71
C VAL A 124 -0.09 -4.12 27.65
N ALA A 125 0.11 -4.92 26.61
CA ALA A 125 0.88 -4.51 25.45
C ALA A 125 -0.05 -3.84 24.44
N VAL A 126 0.28 -2.58 24.08
CA VAL A 126 -0.54 -1.77 23.21
C VAL A 126 0.25 -1.37 21.97
N ARG A 127 -0.43 -1.41 20.81
CA ARG A 127 0.16 -0.98 19.54
C ARG A 127 -0.89 -0.28 18.69
N MET A 128 -0.48 0.82 18.07
CA MET A 128 -1.26 1.53 17.08
C MET A 128 -0.59 1.32 15.72
N PRO A 129 -1.05 0.35 14.91
CA PRO A 129 -0.34 -0.04 13.70
C PRO A 129 -0.46 0.99 12.59
N ALA A 130 0.68 1.30 11.94
CA ALA A 130 0.69 2.21 10.81
C ALA A 130 0.41 1.41 9.54
N HIS A 131 -0.82 0.93 9.43
CA HIS A 131 -1.29 0.25 8.23
C HIS A 131 -2.76 0.61 8.05
N PRO A 132 -3.14 1.34 6.99
CA PRO A 132 -4.52 1.80 6.85
C PRO A 132 -5.56 0.69 6.98
N VAL A 133 -5.23 -0.54 6.56
CA VAL A 133 -6.20 -1.63 6.66
C VAL A 133 -6.48 -1.92 8.13
N ALA A 134 -5.43 -1.98 8.95
CA ALA A 134 -5.59 -2.29 10.36
C ALA A 134 -6.33 -1.16 11.08
N LEU A 135 -5.88 0.07 10.87
CA LEU A 135 -6.46 1.26 11.47
C LEU A 135 -7.95 1.33 11.17
N LYS A 136 -8.30 1.23 9.89
CA LYS A 136 -9.68 1.37 9.46
C LYS A 136 -10.52 0.20 9.95
N LEU A 137 -9.94 -1.01 9.99
CA LEU A 137 -10.65 -2.15 10.54
C LEU A 137 -11.01 -1.88 12.00
N ILE A 138 -10.02 -1.45 12.79
CA ILE A 138 -10.22 -1.27 14.22
C ILE A 138 -11.31 -0.23 14.44
N GLU A 139 -11.21 0.89 13.71
CA GLU A 139 -12.14 2.00 13.83
C GLU A 139 -13.57 1.55 13.49
N LEU A 140 -13.73 0.90 12.34
N LEU A 140 -13.74 0.87 12.34
CA LEU A 140 -15.03 0.43 11.88
CA LEU A 140 -15.05 0.45 11.89
C LEU A 140 -15.61 -0.56 12.90
C LEU A 140 -15.63 -0.61 12.83
N PHE A 141 -14.76 -1.49 13.36
CA PHE A 141 -15.17 -2.52 14.30
C PHE A 141 -15.65 -1.88 15.61
N GLY A 142 -14.87 -0.93 16.13
CA GLY A 142 -15.29 -0.11 17.26
C GLY A 142 -14.66 -0.54 18.58
N HIS A 143 -13.96 -1.69 18.61
CA HIS A 143 -13.18 -2.10 19.77
C HIS A 143 -11.72 -2.29 19.39
N PRO A 144 -10.78 -2.26 20.35
CA PRO A 144 -9.43 -2.75 20.11
C PRO A 144 -9.41 -4.21 19.69
N ILE A 145 -8.39 -4.58 18.92
CA ILE A 145 -8.24 -5.96 18.45
C ILE A 145 -6.99 -6.53 19.11
N ALA A 146 -7.18 -7.63 19.85
CA ALA A 146 -6.08 -8.41 20.38
C ALA A 146 -5.58 -9.34 19.28
N ALA A 147 -4.27 -9.29 18.98
CA ALA A 147 -3.75 -10.10 17.90
C ALA A 147 -2.26 -10.37 18.06
N PRO A 148 -1.88 -11.66 18.18
CA PRO A 148 -0.51 -12.07 17.91
C PRO A 148 -0.23 -12.16 16.41
N SER A 149 1.00 -12.51 16.06
CA SER A 149 1.37 -12.76 14.68
C SER A 149 0.57 -13.94 14.11
N ALA A 150 0.29 -13.87 12.81
CA ALA A 150 -0.45 -14.91 12.10
C ALA A 150 0.49 -16.06 11.75
N ASN A 151 0.57 -17.03 12.66
CA ASN A 151 1.37 -18.22 12.45
C ASN A 151 1.01 -19.22 13.53
N ILE A 152 1.18 -20.51 13.24
CA ILE A 152 1.21 -21.52 14.27
C ILE A 152 2.35 -21.16 15.23
N SER A 153 2.09 -21.26 16.54
CA SER A 153 3.09 -20.89 17.53
C SER A 153 4.37 -21.68 17.25
N GLY A 154 5.50 -20.97 17.21
CA GLY A 154 6.78 -21.61 16.94
C GLY A 154 7.26 -21.40 15.50
N ARG A 155 6.32 -21.18 14.57
CA ARG A 155 6.64 -21.07 13.16
C ARG A 155 6.93 -19.61 12.80
N PRO A 156 7.61 -19.34 11.66
CA PRO A 156 7.86 -17.99 11.21
C PRO A 156 6.59 -17.18 10.98
N SER A 157 6.65 -15.90 11.34
CA SER A 157 5.49 -15.02 11.28
C SER A 157 5.14 -14.71 9.82
N ALA A 158 3.85 -14.87 9.48
CA ALA A 158 3.40 -14.66 8.12
C ALA A 158 3.60 -13.20 7.71
N THR A 159 4.24 -13.01 6.54
CA THR A 159 4.43 -11.69 5.94
C THR A 159 3.68 -11.59 4.62
N ASN A 160 2.90 -12.62 4.27
CA ASN A 160 2.04 -12.59 3.09
C ASN A 160 0.98 -13.68 3.20
N VAL A 161 0.00 -13.65 2.29
CA VAL A 161 -1.20 -14.46 2.44
C VAL A 161 -0.86 -15.94 2.22
N LYS A 162 0.12 -16.22 1.35
CA LYS A 162 0.64 -17.57 1.14
C LYS A 162 0.97 -18.23 2.49
N HIS A 163 1.76 -17.53 3.31
CA HIS A 163 2.20 -18.08 4.58
C HIS A 163 0.98 -18.29 5.49
N VAL A 164 0.02 -17.37 5.42
CA VAL A 164 -1.17 -17.44 6.24
C VAL A 164 -1.96 -18.69 5.87
N ILE A 165 -2.10 -18.93 4.56
CA ILE A 165 -2.85 -20.06 4.04
C ILE A 165 -2.18 -21.37 4.46
N GLU A 166 -0.84 -21.42 4.38
CA GLU A 166 -0.11 -22.59 4.86
C GLU A 166 -0.60 -22.96 6.26
N ASP A 167 -0.77 -21.97 7.14
CA ASP A 167 -1.04 -22.25 8.55
C ASP A 167 -2.53 -22.32 8.87
N PHE A 168 -3.39 -21.68 8.08
CA PHE A 168 -4.73 -21.38 8.58
C PHE A 168 -5.88 -21.63 7.59
N MET A 169 -5.61 -22.07 6.36
CA MET A 169 -6.71 -22.39 5.45
C MET A 169 -7.60 -23.43 6.13
N GLY A 170 -8.91 -23.14 6.19
CA GLY A 170 -9.86 -24.05 6.79
C GLY A 170 -10.11 -23.76 8.27
N LYS A 171 -9.22 -22.99 8.91
CA LYS A 171 -9.26 -22.78 10.35
C LYS A 171 -9.90 -21.45 10.71
N VAL A 172 -9.91 -20.47 9.79
CA VAL A 172 -10.50 -19.16 10.04
C VAL A 172 -11.47 -18.83 8.90
N LYS A 173 -12.46 -18.00 9.18
CA LYS A 173 -13.48 -17.66 8.20
C LYS A 173 -12.94 -16.67 7.16
N LEU A 174 -12.04 -15.77 7.58
CA LEU A 174 -11.65 -14.65 6.73
C LEU A 174 -10.16 -14.33 6.87
N ILE A 175 -9.50 -14.22 5.73
CA ILE A 175 -8.17 -13.65 5.63
C ILE A 175 -8.25 -12.43 4.72
N ILE A 176 -7.83 -11.27 5.24
CA ILE A 176 -7.68 -10.08 4.43
C ILE A 176 -6.25 -10.05 3.88
N ASP A 177 -6.13 -9.98 2.55
CA ASP A 177 -4.84 -9.97 1.88
C ASP A 177 -4.55 -8.54 1.41
N ALA A 178 -3.46 -7.95 1.91
CA ALA A 178 -2.98 -6.68 1.39
C ALA A 178 -1.52 -6.83 0.94
N GLY A 179 -1.14 -8.04 0.51
CA GLY A 179 0.17 -8.28 -0.07
C GLY A 179 1.22 -8.51 1.00
N ASP A 180 2.50 -8.36 0.60
CA ASP A 180 3.63 -8.56 1.48
C ASP A 180 3.70 -7.39 2.47
N THR A 181 3.92 -7.69 3.75
CA THR A 181 3.97 -6.63 4.76
C THR A 181 5.25 -5.82 4.56
N PRO A 182 5.16 -4.47 4.71
CA PRO A 182 6.30 -3.58 4.53
C PRO A 182 7.59 -3.95 5.25
N PHE A 183 7.52 -4.31 6.55
CA PHE A 183 8.74 -4.46 7.32
C PHE A 183 9.18 -5.93 7.35
N GLY A 184 8.22 -6.85 7.46
CA GLY A 184 8.52 -8.27 7.49
C GLY A 184 8.89 -8.77 8.90
N LEU A 185 9.07 -7.85 9.85
CA LEU A 185 9.42 -8.19 11.22
C LEU A 185 8.43 -7.54 12.18
N GLU A 186 8.20 -8.20 13.33
CA GLU A 186 7.29 -7.71 14.35
C GLU A 186 7.79 -6.39 14.95
N SER A 187 6.83 -5.65 15.53
CA SER A 187 7.06 -4.37 16.18
C SER A 187 8.14 -4.46 17.26
N THR A 188 8.87 -3.36 17.43
CA THR A 188 9.68 -3.16 18.62
C THR A 188 8.75 -3.14 19.83
N ILE A 189 9.09 -3.90 20.88
CA ILE A 189 8.37 -3.84 22.15
C ILE A 189 9.25 -3.14 23.18
N VAL A 190 8.73 -2.04 23.76
CA VAL A 190 9.41 -1.31 24.81
C VAL A 190 8.52 -1.29 26.05
N ASP A 191 9.04 -1.76 27.19
CA ASP A 191 8.33 -1.72 28.46
C ASP A 191 8.56 -0.35 29.11
N LEU A 192 7.47 0.35 29.44
CA LEU A 192 7.56 1.68 30.04
C LEU A 192 6.94 1.70 31.44
N THR A 193 6.85 0.54 32.11
CA THR A 193 6.31 0.51 33.46
C THR A 193 7.41 0.72 34.51
N LYS A 194 8.66 0.37 34.20
CA LYS A 194 9.74 0.42 35.17
C LYS A 194 10.40 1.79 35.10
N GLU A 195 11.34 2.07 36.01
CA GLU A 195 11.94 3.40 36.09
C GLU A 195 12.78 3.68 34.84
N LYS A 196 13.53 2.67 34.39
CA LYS A 196 14.23 2.77 33.12
C LYS A 196 13.45 1.96 32.08
N PRO A 197 13.32 2.45 30.83
CA PRO A 197 12.62 1.69 29.80
C PRO A 197 13.41 0.44 29.41
N VAL A 198 12.67 -0.63 29.12
CA VAL A 198 13.28 -1.91 28.79
C VAL A 198 12.85 -2.33 27.39
N LEU A 199 13.84 -2.66 26.55
CA LEU A 199 13.61 -3.27 25.25
C LEU A 199 13.31 -4.75 25.45
N LEU A 200 12.12 -5.18 25.04
CA LEU A 200 11.71 -6.57 25.21
C LEU A 200 11.79 -7.34 23.89
N ARG A 201 11.72 -6.62 22.76
CA ARG A 201 11.81 -7.24 21.45
C ARG A 201 12.30 -6.21 20.45
N PRO A 202 13.44 -6.45 19.75
CA PRO A 202 13.89 -5.52 18.74
C PRO A 202 13.02 -5.60 17.49
N GLY A 203 12.90 -4.48 16.78
CA GLY A 203 12.07 -4.41 15.59
C GLY A 203 12.38 -3.14 14.80
N PRO A 204 11.45 -2.70 13.92
CA PRO A 204 11.70 -1.58 13.01
C PRO A 204 11.98 -0.23 13.67
N VAL A 205 11.53 -0.05 14.93
CA VAL A 205 12.05 1.06 15.73
C VAL A 205 13.36 0.56 16.34
N GLU A 206 14.48 1.09 15.83
CA GLU A 206 15.77 0.47 16.04
C GLU A 206 16.32 0.84 17.42
N VAL A 207 17.21 -0.02 17.91
CA VAL A 207 17.80 0.14 19.23
C VAL A 207 18.51 1.49 19.30
N GLU A 208 19.31 1.77 18.26
CA GLU A 208 20.10 3.00 18.19
C GLU A 208 19.21 4.21 18.39
N ARG A 209 18.02 4.19 17.79
CA ARG A 209 17.07 5.29 17.89
C ARG A 209 16.49 5.38 19.30
N LEU A 210 16.15 4.22 19.88
CA LEU A 210 15.64 4.19 21.24
C LEU A 210 16.70 4.66 22.24
N LYS A 211 17.97 4.28 22.01
CA LYS A 211 19.05 4.73 22.88
C LYS A 211 19.24 6.24 22.81
N GLU A 212 18.98 6.85 21.64
CA GLU A 212 19.07 8.30 21.50
C GLU A 212 18.00 8.99 22.36
N LEU A 213 16.80 8.40 22.40
CA LEU A 213 15.69 8.97 23.15
C LEU A 213 15.78 8.59 24.63
N PHE A 214 16.23 7.36 24.91
CA PHE A 214 16.28 6.85 26.27
C PHE A 214 17.70 6.38 26.52
N PRO A 215 18.60 7.30 26.96
CA PRO A 215 19.98 6.93 27.22
C PRO A 215 20.11 5.74 28.17
N GLU A 216 19.15 5.62 29.11
CA GLU A 216 19.20 4.56 30.12
C GLU A 216 18.45 3.29 29.69
N LEU A 217 18.11 3.17 28.40
CA LEU A 217 17.43 1.99 27.91
C LEU A 217 18.13 0.73 28.39
N VAL A 218 17.39 -0.23 28.94
N VAL A 218 17.38 -0.21 28.97
CA VAL A 218 17.98 -1.49 29.35
CA VAL A 218 17.90 -1.52 29.33
C VAL A 218 17.67 -2.53 28.27
C VAL A 218 17.66 -2.47 28.18
N VAL A 219 18.71 -3.22 27.82
CA VAL A 219 18.62 -4.28 26.83
C VAL A 219 18.97 -5.59 27.52
N PRO A 220 17.97 -6.38 27.94
CA PRO A 220 18.24 -7.61 28.68
C PRO A 220 18.99 -8.65 27.86
N ASP A 221 19.62 -9.59 28.58
CA ASP A 221 20.41 -10.65 27.97
C ASP A 221 19.57 -11.45 26.97
N PHE A 222 18.30 -11.71 27.28
CA PHE A 222 17.48 -12.59 26.44
C PHE A 222 17.27 -11.97 25.06
N VAL A 223 17.38 -10.63 24.95
CA VAL A 223 17.29 -9.96 23.67
C VAL A 223 18.53 -10.22 22.82
N ARG A 224 19.69 -10.19 23.46
CA ARG A 224 20.97 -10.32 22.73
C ARG A 224 21.33 -11.80 22.54
N LYS A 225 20.69 -12.67 23.29
CA LYS A 225 20.98 -14.12 23.20
C LYS A 225 19.71 -14.87 22.76
N GLY A 226 19.41 -15.99 23.40
CA GLY A 226 18.21 -16.76 23.07
C GLY A 226 17.16 -16.67 24.16
N ARG A 240 11.51 -22.75 20.19
CA ARG A 240 10.25 -22.04 19.78
C ARG A 240 10.59 -20.66 19.26
N HIS A 241 9.73 -20.18 18.36
CA HIS A 241 9.76 -18.85 17.76
C HIS A 241 10.51 -18.86 16.43
N TYR A 242 9.73 -18.66 15.37
CA TYR A 242 10.20 -18.28 14.05
C TYR A 242 10.94 -19.45 13.38
N ALA A 243 10.65 -20.68 13.83
CA ALA A 243 11.48 -21.84 13.54
C ALA A 243 10.94 -22.64 12.36
N PRO A 244 11.74 -22.88 11.31
CA PRO A 244 11.32 -23.77 10.22
C PRO A 244 11.17 -25.23 10.65
N LEU A 245 10.72 -26.08 9.72
CA LEU A 245 10.38 -27.47 10.00
C LEU A 245 11.63 -28.34 9.97
N LYS A 246 12.65 -27.93 9.20
CA LYS A 246 13.95 -28.56 9.20
C LYS A 246 14.83 -27.84 10.23
N PRO A 247 15.87 -28.51 10.80
CA PRO A 247 16.80 -27.83 11.69
C PRO A 247 17.48 -26.61 11.08
N LEU A 248 17.81 -25.63 11.93
CA LEU A 248 18.34 -24.36 11.48
C LEU A 248 19.71 -24.11 12.10
N ILE A 249 20.69 -23.79 11.26
CA ILE A 249 22.06 -23.60 11.68
C ILE A 249 22.48 -22.17 11.36
N LEU A 250 22.68 -21.37 12.42
CA LEU A 250 23.02 -19.97 12.27
C LEU A 250 24.53 -19.82 12.47
N VAL A 251 25.17 -19.13 11.52
CA VAL A 251 26.62 -19.06 11.46
C VAL A 251 27.05 -17.61 11.65
N GLU A 252 27.27 -17.21 12.91
CA GLU A 252 27.67 -15.85 13.23
C GLU A 252 29.11 -15.60 12.78
N ASP A 253 29.96 -16.62 12.94
CA ASP A 253 31.34 -16.57 12.48
C ASP A 253 31.39 -17.16 11.06
N LEU A 254 31.57 -16.30 10.06
CA LEU A 254 31.47 -16.69 8.67
C LEU A 254 32.76 -17.38 8.20
N THR A 255 33.81 -17.34 9.01
CA THR A 255 35.05 -18.05 8.71
C THR A 255 34.82 -19.56 8.85
N LYS A 256 33.86 -19.95 9.71
CA LYS A 256 33.55 -21.35 9.90
C LYS A 256 32.57 -21.85 8.85
N MET A 257 32.13 -20.98 7.94
CA MET A 257 31.13 -21.33 6.93
CA MET A 257 31.12 -21.35 6.96
C MET A 257 31.56 -22.62 6.24
N GLU A 258 32.84 -22.68 5.84
CA GLU A 258 33.39 -23.85 5.15
C GLU A 258 33.16 -25.10 5.97
N GLU A 259 33.60 -25.09 7.24
CA GLU A 259 33.46 -26.22 8.13
C GLU A 259 32.00 -26.68 8.17
N VAL A 260 31.08 -25.73 8.29
CA VAL A 260 29.68 -26.02 8.54
C VAL A 260 29.06 -26.73 7.33
N LEU A 261 29.30 -26.17 6.14
CA LEU A 261 28.75 -26.71 4.90
C LEU A 261 29.13 -28.20 4.78
N LYS A 262 30.40 -28.50 5.11
CA LYS A 262 30.94 -29.83 4.93
C LYS A 262 30.56 -30.72 6.12
N LYS A 263 30.29 -30.12 7.28
CA LYS A 263 29.77 -30.88 8.42
C LYS A 263 28.31 -31.24 8.20
N TYR A 264 27.57 -30.37 7.48
CA TYR A 264 26.16 -30.57 7.23
C TYR A 264 25.93 -30.55 5.72
N PRO A 265 26.28 -31.64 5.00
CA PRO A 265 26.39 -31.59 3.54
C PRO A 265 25.06 -31.48 2.80
N ASP A 266 24.00 -32.09 3.34
CA ASP A 266 22.67 -32.09 2.73
C ASP A 266 21.91 -30.87 3.24
N HIS A 267 22.01 -29.74 2.52
CA HIS A 267 21.66 -28.46 3.09
C HIS A 267 21.14 -27.48 2.04
N VAL A 268 20.49 -26.42 2.54
CA VAL A 268 20.28 -25.20 1.76
C VAL A 268 20.76 -24.03 2.61
N VAL A 269 21.36 -23.04 1.95
CA VAL A 269 21.90 -21.88 2.63
C VAL A 269 20.99 -20.68 2.36
N ILE A 270 20.79 -19.85 3.40
CA ILE A 270 20.20 -18.54 3.23
C ILE A 270 21.31 -17.52 3.41
N CYS A 271 21.52 -16.67 2.39
CA CYS A 271 22.69 -15.82 2.33
C CYS A 271 22.31 -14.49 1.70
N VAL A 272 23.22 -13.52 1.80
CA VAL A 272 23.03 -12.22 1.17
C VAL A 272 23.39 -12.31 -0.31
N GLU A 273 22.98 -11.26 -1.03
CA GLU A 273 23.28 -11.07 -2.44
C GLU A 273 24.79 -11.12 -2.66
N GLU A 274 25.54 -10.38 -1.83
CA GLU A 274 26.95 -10.15 -2.08
C GLU A 274 27.78 -11.40 -1.78
N ARG A 275 27.13 -12.52 -1.45
CA ARG A 275 27.84 -13.78 -1.26
C ARG A 275 27.05 -14.94 -1.85
N LYS A 276 26.18 -14.65 -2.83
CA LYS A 276 25.28 -15.65 -3.40
C LYS A 276 26.09 -16.67 -4.19
N GLU A 277 27.06 -16.18 -4.97
CA GLU A 277 27.78 -16.99 -5.94
C GLU A 277 28.94 -17.70 -5.25
N LEU A 278 28.71 -18.22 -4.04
CA LEU A 278 29.74 -18.93 -3.28
C LEU A 278 29.13 -20.16 -2.60
N TYR A 279 27.98 -20.68 -3.06
CA TYR A 279 27.25 -21.61 -2.19
C TYR A 279 26.62 -22.83 -2.87
N ASP A 280 26.47 -22.86 -4.21
CA ASP A 280 25.77 -23.94 -4.88
C ASP A 280 24.26 -23.82 -4.61
N ASP A 281 23.82 -24.33 -3.44
CA ASP A 281 22.41 -24.40 -3.09
C ASP A 281 22.04 -23.31 -2.09
N ARG A 282 21.50 -22.18 -2.58
CA ARG A 282 21.26 -21.04 -1.71
C ARG A 282 20.01 -20.26 -2.14
N ILE A 283 19.28 -19.77 -1.12
CA ILE A 283 18.25 -18.75 -1.27
C ILE A 283 18.86 -17.40 -0.89
N VAL A 284 18.74 -16.40 -1.78
CA VAL A 284 19.25 -15.07 -1.48
C VAL A 284 18.14 -14.28 -0.76
N VAL A 285 18.32 -14.04 0.55
CA VAL A 285 17.31 -13.36 1.35
C VAL A 285 17.28 -11.87 0.98
N GLY A 286 18.43 -11.30 0.62
CA GLY A 286 18.51 -9.88 0.30
C GLY A 286 19.96 -9.40 0.28
N SER A 287 20.17 -8.09 0.13
CA SER A 287 21.50 -7.52 0.03
C SER A 287 21.86 -6.77 1.32
N LEU A 288 23.14 -6.84 1.69
CA LEU A 288 23.68 -6.03 2.78
C LEU A 288 23.60 -4.56 2.42
N LYS A 289 23.63 -4.27 1.12
CA LYS A 289 23.45 -2.92 0.59
C LYS A 289 22.14 -2.31 1.12
N ASN A 290 21.06 -3.11 1.09
CA ASN A 290 19.75 -2.68 1.55
C ASN A 290 19.24 -3.65 2.62
N PRO A 291 19.65 -3.46 3.90
CA PRO A 291 19.34 -4.44 4.94
C PRO A 291 17.84 -4.61 5.22
N TYR A 292 17.03 -3.58 4.92
CA TYR A 292 15.58 -3.68 5.06
C TYR A 292 15.03 -4.76 4.14
N SER A 293 15.72 -5.03 3.01
CA SER A 293 15.35 -6.13 2.14
C SER A 293 15.51 -7.47 2.85
N ILE A 294 16.53 -7.60 3.70
CA ILE A 294 16.76 -8.83 4.44
C ILE A 294 15.63 -9.04 5.46
N ALA A 295 15.35 -7.99 6.23
CA ALA A 295 14.26 -8.03 7.21
C ALA A 295 12.93 -8.37 6.54
N GLN A 296 12.66 -7.73 5.40
CA GLN A 296 11.40 -7.89 4.69
C GLN A 296 11.19 -9.34 4.27
N ASN A 297 12.28 -10.06 3.99
CA ASN A 297 12.20 -11.37 3.35
C ASN A 297 12.61 -12.54 4.23
N ILE A 298 13.16 -12.29 5.43
CA ILE A 298 13.79 -13.38 6.17
C ILE A 298 12.78 -14.48 6.47
N PHE A 299 11.54 -14.15 6.83
CA PHE A 299 10.61 -15.19 7.25
C PHE A 299 10.15 -16.00 6.04
N SER A 300 9.95 -15.34 4.88
CA SER A 300 9.61 -16.04 3.65
C SER A 300 10.72 -17.03 3.33
N ALA A 301 11.98 -16.56 3.46
CA ALA A 301 13.15 -17.35 3.13
C ALA A 301 13.19 -18.62 3.98
N LEU A 302 12.82 -18.52 5.25
CA LEU A 302 12.75 -19.68 6.14
C LEU A 302 11.70 -20.66 5.64
N ARG A 303 10.57 -20.16 5.11
CA ARG A 303 9.48 -21.01 4.67
C ARG A 303 9.82 -21.64 3.32
N GLU A 304 10.47 -20.89 2.42
CA GLU A 304 10.96 -21.44 1.16
C GLU A 304 11.97 -22.56 1.46
N ALA A 305 12.97 -22.23 2.29
CA ALA A 305 14.06 -23.14 2.65
C ALA A 305 13.56 -24.50 3.12
N GLU A 306 12.61 -24.49 4.06
CA GLU A 306 12.15 -25.72 4.71
C GLU A 306 11.54 -26.65 3.66
N LYS A 307 11.14 -26.10 2.51
CA LYS A 307 10.53 -26.87 1.45
C LYS A 307 11.65 -27.46 0.58
N MET A 308 12.49 -26.63 -0.06
CA MET A 308 13.68 -27.10 -0.73
CA MET A 308 13.67 -27.10 -0.74
C MET A 308 14.18 -28.34 0.01
N GLY A 309 13.97 -29.52 -0.59
CA GLY A 309 14.12 -30.79 0.10
C GLY A 309 15.56 -31.06 0.52
N LYS A 310 15.98 -30.42 1.60
CA LYS A 310 17.30 -30.61 2.19
C LYS A 310 17.10 -30.85 3.69
N GLU A 311 18.11 -31.46 4.33
CA GLU A 311 17.98 -31.86 5.72
C GLU A 311 18.25 -30.66 6.64
N TYR A 312 19.06 -29.70 6.17
CA TYR A 312 19.54 -28.61 7.00
C TYR A 312 19.36 -27.28 6.29
N ILE A 313 18.86 -26.28 7.04
CA ILE A 313 18.91 -24.90 6.61
C ILE A 313 20.06 -24.21 7.34
N ILE A 314 20.91 -23.53 6.55
CA ILE A 314 22.07 -22.84 7.07
CA ILE A 314 22.08 -22.84 7.06
C ILE A 314 21.93 -21.36 6.72
N VAL A 315 22.06 -20.50 7.73
CA VAL A 315 21.85 -19.09 7.53
C VAL A 315 23.10 -18.33 7.94
N GLU A 316 23.51 -17.39 7.08
CA GLU A 316 24.57 -16.46 7.42
C GLU A 316 24.09 -15.58 8.56
N GLY A 317 25.02 -15.24 9.46
CA GLY A 317 24.76 -14.24 10.49
C GLY A 317 24.92 -12.84 9.91
N PHE A 318 24.44 -11.85 10.66
CA PHE A 318 24.51 -10.45 10.26
C PHE A 318 25.01 -9.60 11.42
N GLU A 319 25.50 -8.40 11.10
CA GLU A 319 25.78 -7.37 12.09
C GLU A 319 24.58 -7.25 13.04
N GLU A 320 24.87 -7.11 14.34
CA GLU A 320 23.86 -6.77 15.33
C GLU A 320 23.68 -5.25 15.37
N ARG A 321 23.22 -4.67 14.26
CA ARG A 321 23.05 -3.23 14.16
C ARG A 321 21.82 -2.92 13.30
N GLY A 322 21.31 -1.69 13.46
CA GLY A 322 20.05 -1.30 12.85
C GLY A 322 19.06 -2.45 12.81
N ILE A 323 18.44 -2.65 11.64
CA ILE A 323 17.33 -3.58 11.51
C ILE A 323 17.85 -5.01 11.61
N LEU A 324 19.12 -5.23 11.23
CA LEU A 324 19.71 -6.55 11.29
C LEU A 324 19.83 -7.05 12.74
N PHE A 325 19.84 -6.13 13.71
CA PHE A 325 19.78 -6.52 15.10
C PHE A 325 18.51 -7.35 15.33
N ALA A 326 17.38 -6.82 14.87
CA ALA A 326 16.10 -7.52 15.00
C ALA A 326 16.14 -8.84 14.24
N VAL A 327 16.70 -8.85 13.02
CA VAL A 327 16.80 -10.06 12.23
C VAL A 327 17.52 -11.14 13.03
N MET A 328 18.67 -10.77 13.60
CA MET A 328 19.50 -11.70 14.36
C MET A 328 18.76 -12.18 15.62
N ASN A 329 18.03 -11.29 16.28
CA ASN A 329 17.20 -11.69 17.40
C ASN A 329 16.29 -12.85 16.96
N ARG A 330 15.70 -12.72 15.78
CA ARG A 330 14.73 -13.72 15.31
C ARG A 330 15.44 -15.04 15.00
N LEU A 331 16.56 -14.97 14.27
CA LEU A 331 17.28 -16.17 13.86
C LEU A 331 17.81 -16.91 15.10
N ARG A 332 18.33 -16.18 16.09
CA ARG A 332 18.83 -16.81 17.30
C ARG A 332 17.74 -17.61 18.02
N LYS A 333 16.51 -17.08 18.01
CA LYS A 333 15.37 -17.77 18.67
C LYS A 333 14.90 -18.94 17.79
N ALA A 334 15.28 -18.95 16.52
CA ALA A 334 14.83 -20.00 15.60
C ALA A 334 15.84 -21.15 15.52
N ALA A 335 17.13 -20.84 15.67
CA ALA A 335 18.23 -21.76 15.40
C ALA A 335 18.17 -23.00 16.29
N THR A 336 18.47 -24.17 15.69
CA THR A 336 18.66 -25.39 16.46
C THR A 336 20.13 -25.48 16.91
N GLU A 337 21.05 -24.86 16.15
CA GLU A 337 22.43 -24.70 16.59
C GLU A 337 22.97 -23.35 16.12
N ILE A 338 23.76 -22.70 16.99
CA ILE A 338 24.43 -21.45 16.66
C ILE A 338 25.94 -21.68 16.65
N VAL A 339 26.62 -21.06 15.69
CA VAL A 339 28.03 -21.28 15.45
C VAL A 339 28.75 -19.93 15.54
N ARG A 340 29.42 -19.69 16.69
CA ARG A 340 29.95 -18.38 17.03
C ARG A 340 31.46 -18.31 16.74
N ALA B 5 16.79 5.04 -23.19
CA ALA B 5 17.05 5.71 -21.92
C ALA B 5 17.66 4.75 -20.88
N SER B 6 17.57 3.44 -21.15
CA SER B 6 18.04 2.42 -20.23
C SER B 6 17.16 2.40 -18.97
N THR B 7 15.90 2.03 -19.17
CA THR B 7 14.87 2.15 -18.14
C THR B 7 15.20 1.23 -16.96
N ARG B 8 15.13 1.79 -15.75
CA ARG B 8 15.16 1.00 -14.53
C ARG B 8 13.76 1.01 -13.93
N VAL B 9 13.37 -0.13 -13.35
CA VAL B 9 12.10 -0.28 -12.65
C VAL B 9 12.42 -0.69 -11.22
N LEU B 10 12.18 0.22 -10.26
CA LEU B 10 12.46 -0.03 -8.86
C LEU B 10 11.15 -0.17 -8.09
N LYS B 11 10.94 -1.35 -7.51
CA LYS B 11 9.76 -1.66 -6.75
C LYS B 11 9.93 -1.12 -5.32
N VAL B 12 8.87 -0.50 -4.79
CA VAL B 12 8.86 -0.03 -3.41
C VAL B 12 7.53 -0.40 -2.78
N ASP B 13 7.57 -0.59 -1.46
CA ASP B 13 6.37 -0.75 -0.67
C ASP B 13 5.58 0.56 -0.71
N PRO B 14 4.24 0.52 -0.90
CA PRO B 14 3.44 1.75 -0.97
C PRO B 14 3.28 2.51 0.35
N LEU B 15 3.42 1.83 1.49
CA LEU B 15 3.25 2.40 2.82
C LEU B 15 4.57 2.97 3.33
N PHE B 16 5.64 2.16 3.22
CA PHE B 16 6.95 2.49 3.76
C PHE B 16 7.99 2.31 2.67
N PRO B 17 8.02 3.17 1.64
CA PRO B 17 8.95 2.97 0.54
C PRO B 17 10.39 3.22 0.96
N ASP B 18 11.28 2.34 0.50
CA ASP B 18 12.72 2.51 0.62
C ASP B 18 13.13 3.89 0.14
N GLU B 19 13.71 4.69 1.05
CA GLU B 19 14.07 6.06 0.75
C GLU B 19 15.27 6.15 -0.19
N LYS B 20 16.10 5.10 -0.24
CA LYS B 20 17.20 5.09 -1.21
C LYS B 20 16.64 5.19 -2.63
N VAL B 21 15.54 4.48 -2.90
CA VAL B 21 14.91 4.49 -4.21
C VAL B 21 14.39 5.90 -4.52
N LEU B 22 13.69 6.52 -3.57
CA LEU B 22 13.16 7.88 -3.76
C LEU B 22 14.28 8.90 -3.93
N LYS B 23 15.42 8.70 -3.26
CA LYS B 23 16.57 9.57 -3.45
C LYS B 23 17.09 9.48 -4.88
N GLU B 24 17.18 8.25 -5.43
N GLU B 24 17.18 8.25 -5.42
CA GLU B 24 17.60 8.07 -6.81
CA GLU B 24 17.59 8.03 -6.79
C GLU B 24 16.64 8.79 -7.76
C GLU B 24 16.65 8.76 -7.75
N ALA B 25 15.34 8.68 -7.49
CA ALA B 25 14.35 9.38 -8.29
C ALA B 25 14.53 10.90 -8.16
N ALA B 26 14.78 11.37 -6.94
CA ALA B 26 14.97 12.80 -6.73
C ALA B 26 16.19 13.29 -7.51
N GLU B 27 17.27 12.50 -7.51
CA GLU B 27 18.48 12.85 -8.25
C GLU B 27 18.16 13.07 -9.74
N LEU B 28 17.40 12.13 -10.32
N LEU B 28 17.39 12.14 -10.33
CA LEU B 28 17.01 12.21 -11.72
CA LEU B 28 17.04 12.23 -11.73
C LEU B 28 16.19 13.48 -11.98
C LEU B 28 16.18 13.47 -11.99
N LEU B 29 15.26 13.78 -11.07
CA LEU B 29 14.44 14.97 -11.20
C LEU B 29 15.33 16.22 -11.16
N ARG B 30 16.30 16.25 -10.23
CA ARG B 30 17.23 17.37 -10.16
C ARG B 30 18.03 17.50 -11.45
N ASN B 31 18.36 16.36 -12.09
CA ASN B 31 19.08 16.37 -13.36
C ASN B 31 18.17 16.69 -14.53
N GLY B 32 16.92 17.10 -14.27
CA GLY B 32 16.04 17.58 -15.34
C GLY B 32 15.47 16.43 -16.17
N GLU B 33 15.45 15.22 -15.59
CA GLU B 33 14.90 14.03 -16.22
C GLU B 33 13.43 13.84 -15.86
N VAL B 34 12.78 12.96 -16.62
CA VAL B 34 11.40 12.57 -16.41
C VAL B 34 11.37 11.19 -15.78
N ILE B 35 10.55 11.02 -14.74
CA ILE B 35 10.38 9.74 -14.08
C ILE B 35 8.91 9.42 -13.93
N ILE B 36 8.62 8.14 -13.70
CA ILE B 36 7.25 7.69 -13.53
C ILE B 36 7.09 7.17 -12.10
N PHE B 37 5.99 7.61 -11.46
CA PHE B 37 5.78 7.33 -10.05
C PHE B 37 4.30 7.03 -9.83
N PRO B 38 3.97 6.23 -8.80
CA PRO B 38 2.60 5.93 -8.45
C PRO B 38 1.92 7.06 -7.68
N THR B 39 0.61 7.20 -7.85
CA THR B 39 -0.22 7.93 -6.90
C THR B 39 -1.42 7.03 -6.57
N GLU B 40 -2.35 7.55 -5.77
CA GLU B 40 -3.51 6.78 -5.37
C GLU B 40 -4.54 6.71 -6.51
N THR B 41 -4.39 7.54 -7.54
CA THR B 41 -5.32 7.56 -8.66
C THR B 41 -4.77 6.71 -9.82
N VAL B 42 -3.83 7.29 -10.55
CA VAL B 42 -3.12 6.62 -11.64
C VAL B 42 -1.64 6.95 -11.51
N TYR B 43 -0.80 6.21 -12.25
CA TYR B 43 0.62 6.51 -12.31
C TYR B 43 0.78 7.86 -12.99
N GLY B 44 1.81 8.61 -12.58
CA GLY B 44 2.11 9.91 -13.15
C GLY B 44 3.47 9.89 -13.83
N ILE B 45 3.63 10.75 -14.83
CA ILE B 45 4.92 10.92 -15.49
C ILE B 45 5.34 12.36 -15.25
N GLY B 46 6.41 12.51 -14.44
CA GLY B 46 6.66 13.76 -13.77
C GLY B 46 8.08 14.27 -14.00
N ALA B 47 8.19 15.61 -13.95
CA ALA B 47 9.44 16.35 -13.99
C ALA B 47 9.38 17.52 -13.00
N ASP B 48 10.56 18.03 -12.68
CA ASP B 48 10.70 19.24 -11.87
C ASP B 48 9.75 20.32 -12.40
N ALA B 49 8.81 20.76 -11.56
CA ALA B 49 7.79 21.71 -11.98
C ALA B 49 8.39 23.08 -12.27
N TYR B 50 9.60 23.36 -11.76
CA TYR B 50 10.23 24.64 -12.01
C TYR B 50 11.20 24.56 -13.20
N ASN B 51 11.34 23.40 -13.85
CA ASN B 51 12.31 23.20 -14.92
C ASN B 51 11.57 23.10 -16.25
N GLU B 52 11.66 24.17 -17.04
CA GLU B 52 10.95 24.29 -18.31
C GLU B 52 11.36 23.18 -19.28
N GLU B 53 12.67 22.91 -19.39
CA GLU B 53 13.16 21.98 -20.38
C GLU B 53 12.75 20.56 -20.00
N ALA B 54 12.79 20.25 -18.69
CA ALA B 54 12.39 18.94 -18.21
C ALA B 54 10.92 18.67 -18.52
N CYS B 55 10.08 19.69 -18.30
CA CYS B 55 8.64 19.57 -18.49
C CYS B 55 8.30 19.45 -19.97
N LYS B 56 9.07 20.09 -20.85
CA LYS B 56 8.87 19.91 -22.28
C LYS B 56 9.04 18.44 -22.66
N LYS B 57 9.99 17.74 -22.00
CA LYS B 57 10.23 16.34 -22.29
C LYS B 57 8.98 15.49 -22.05
N ILE B 58 8.13 15.90 -21.08
CA ILE B 58 6.92 15.17 -20.77
C ILE B 58 6.00 15.20 -22.00
N PHE B 59 5.84 16.37 -22.61
CA PHE B 59 4.98 16.54 -23.77
C PHE B 59 5.49 15.64 -24.90
N LYS B 60 6.81 15.64 -25.13
CA LYS B 60 7.40 14.86 -26.20
C LYS B 60 7.18 13.37 -25.95
N LEU B 61 7.47 12.90 -24.73
CA LEU B 61 7.37 11.49 -24.39
C LEU B 61 5.93 10.99 -24.53
N LYS B 62 4.95 11.84 -24.24
CA LYS B 62 3.54 11.46 -24.29
C LYS B 62 2.95 11.70 -25.67
N GLU B 63 3.65 12.49 -26.49
CA GLU B 63 3.10 12.97 -27.76
C GLU B 63 1.86 13.81 -27.46
N ARG B 64 1.98 14.67 -26.45
CA ARG B 64 0.87 15.43 -25.91
C ARG B 64 0.83 16.81 -26.57
N PRO B 65 -0.34 17.34 -26.95
CA PRO B 65 -0.43 18.71 -27.43
C PRO B 65 0.03 19.72 -26.39
N ALA B 66 0.72 20.77 -26.83
CA ALA B 66 1.30 21.75 -25.93
C ALA B 66 0.24 22.52 -25.14
N ASP B 67 -1.02 22.52 -25.63
CA ASP B 67 -2.09 23.33 -25.06
C ASP B 67 -2.79 22.58 -23.91
N ASN B 68 -2.28 21.40 -23.53
CA ASN B 68 -2.91 20.62 -22.49
C ASN B 68 -2.06 20.72 -21.21
N PRO B 69 -2.48 21.55 -20.24
CA PRO B 69 -1.63 21.85 -19.08
C PRO B 69 -1.44 20.65 -18.15
N LEU B 70 -0.36 20.72 -17.36
N LEU B 70 -0.38 20.73 -17.34
CA LEU B 70 0.01 19.70 -16.40
CA LEU B 70 0.00 19.67 -16.42
C LEU B 70 -0.57 20.03 -15.03
C LEU B 70 -0.48 20.02 -15.01
N ILE B 71 -0.75 18.99 -14.20
CA ILE B 71 -1.09 19.15 -12.80
C ILE B 71 0.21 19.23 -11.99
N VAL B 72 0.29 20.25 -11.12
CA VAL B 72 1.43 20.43 -10.24
C VAL B 72 1.15 19.73 -8.92
N HIS B 73 2.02 18.76 -8.57
CA HIS B 73 1.84 17.95 -7.38
C HIS B 73 2.70 18.53 -6.26
N ILE B 74 2.08 18.70 -5.08
CA ILE B 74 2.74 19.30 -3.91
C ILE B 74 2.58 18.33 -2.73
N HIS B 75 3.45 18.49 -1.72
CA HIS B 75 3.37 17.69 -0.52
C HIS B 75 2.91 18.51 0.69
N SER B 76 2.83 19.85 0.59
CA SER B 76 2.46 20.63 1.77
C SER B 76 1.70 21.89 1.40
N PHE B 77 0.89 22.38 2.36
CA PHE B 77 0.15 23.61 2.18
C PHE B 77 1.10 24.81 2.04
N LYS B 78 2.29 24.70 2.64
CA LYS B 78 3.34 25.68 2.43
C LYS B 78 3.61 25.87 0.93
N GLN B 79 3.67 24.77 0.17
CA GLN B 79 4.00 24.84 -1.25
C GLN B 79 2.89 25.54 -2.02
N LEU B 80 1.65 25.37 -1.56
CA LEU B 80 0.51 26.03 -2.16
C LEU B 80 0.72 27.54 -2.18
N GLU B 81 1.31 28.05 -1.08
CA GLU B 81 1.52 29.48 -0.88
C GLU B 81 2.54 30.01 -1.90
N GLU B 82 3.48 29.15 -2.32
CA GLU B 82 4.48 29.52 -3.31
C GLU B 82 3.89 29.61 -4.72
N ILE B 83 2.91 28.75 -5.06
CA ILE B 83 2.54 28.57 -6.47
C ILE B 83 1.17 29.17 -6.81
N ALA B 84 0.28 29.31 -5.84
CA ALA B 84 -1.08 29.77 -6.08
C ALA B 84 -1.36 31.07 -5.35
N GLU B 85 -2.37 31.82 -5.83
CA GLU B 85 -2.96 32.90 -5.06
C GLU B 85 -4.48 32.78 -5.13
N GLY B 86 -5.15 33.27 -4.08
CA GLY B 86 -6.59 33.33 -4.02
C GLY B 86 -7.19 32.12 -3.30
N TYR B 87 -6.32 31.24 -2.79
CA TYR B 87 -6.73 29.94 -2.27
C TYR B 87 -7.21 30.04 -0.83
N GLU B 88 -6.90 31.18 -0.17
CA GLU B 88 -7.04 31.30 1.28
C GLU B 88 -8.47 31.02 1.72
N PRO B 89 -9.51 31.53 1.03
CA PRO B 89 -10.87 31.20 1.40
C PRO B 89 -11.22 29.71 1.24
N HIS B 90 -10.33 28.94 0.62
CA HIS B 90 -10.63 27.55 0.30
C HIS B 90 -9.84 26.57 1.17
N LEU B 91 -9.01 27.09 2.10
CA LEU B 91 -8.11 26.26 2.88
C LEU B 91 -8.87 25.21 3.70
N ASP B 92 -10.02 25.60 4.28
N ASP B 92 -10.01 25.60 4.27
CA ASP B 92 -10.79 24.68 5.11
CA ASP B 92 -10.80 24.70 5.10
C ASP B 92 -11.25 23.48 4.28
C ASP B 92 -11.20 23.48 4.26
N PHE B 93 -11.67 23.74 3.03
CA PHE B 93 -12.09 22.71 2.11
C PHE B 93 -10.90 21.83 1.71
N LEU B 94 -9.80 22.48 1.31
CA LEU B 94 -8.60 21.75 0.91
C LEU B 94 -8.14 20.82 2.03
N LYS B 95 -8.19 21.29 3.28
CA LYS B 95 -7.72 20.53 4.43
C LYS B 95 -8.62 19.34 4.70
N LYS B 96 -9.82 19.35 4.12
CA LYS B 96 -10.77 18.25 4.27
C LYS B 96 -10.49 17.14 3.25
N PHE B 97 -9.85 17.48 2.12
CA PHE B 97 -9.71 16.56 1.01
C PHE B 97 -8.24 16.24 0.69
N TRP B 98 -7.30 17.07 1.14
CA TRP B 98 -5.88 16.80 0.94
C TRP B 98 -5.17 16.31 2.19
N PRO B 99 -4.16 15.41 2.06
CA PRO B 99 -3.86 14.73 0.80
C PRO B 99 -5.01 13.86 0.28
N GLY B 100 -5.21 13.83 -1.04
CA GLY B 100 -6.29 13.01 -1.56
C GLY B 100 -6.55 13.21 -3.05
N PRO B 101 -7.49 12.42 -3.62
CA PRO B 101 -7.68 12.36 -5.06
C PRO B 101 -8.44 13.55 -5.62
N LEU B 102 -7.88 14.74 -5.39
CA LEU B 102 -8.54 15.99 -5.74
C LEU B 102 -7.50 16.93 -6.34
N THR B 103 -7.84 17.48 -7.52
CA THR B 103 -7.07 18.53 -8.14
C THR B 103 -7.94 19.80 -8.15
N VAL B 104 -7.32 20.95 -7.89
CA VAL B 104 -8.02 22.21 -7.81
C VAL B 104 -7.29 23.21 -8.69
N ILE B 105 -8.05 24.01 -9.45
CA ILE B 105 -7.51 25.08 -10.26
C ILE B 105 -7.52 26.37 -9.46
N PHE B 106 -6.36 27.04 -9.40
CA PHE B 106 -6.23 28.35 -8.78
C PHE B 106 -5.55 29.29 -9.75
N ARG B 107 -5.63 30.59 -9.46
CA ARG B 107 -4.80 31.56 -10.13
C ARG B 107 -3.34 31.27 -9.82
N LYS B 108 -2.51 31.31 -10.86
CA LYS B 108 -1.09 31.03 -10.74
C LYS B 108 -0.41 32.28 -10.16
N LYS B 109 0.18 32.17 -8.98
CA LYS B 109 1.07 33.20 -8.49
C LYS B 109 2.41 33.05 -9.21
N SER B 110 2.95 31.83 -9.12
CA SER B 110 4.36 31.57 -9.41
C SER B 110 4.78 32.16 -10.75
N GLU B 111 5.91 32.87 -10.72
CA GLU B 111 6.77 33.00 -11.89
C GLU B 111 7.59 31.72 -12.03
N LYS B 112 7.85 31.05 -10.89
CA LYS B 112 8.72 29.89 -10.83
C LYS B 112 8.19 28.71 -11.66
N ILE B 113 6.86 28.56 -11.77
CA ILE B 113 6.28 27.56 -12.66
C ILE B 113 6.19 28.14 -14.06
N PRO B 114 7.00 27.65 -15.02
CA PRO B 114 7.02 28.21 -16.36
C PRO B 114 5.71 28.03 -17.14
N PRO B 115 5.52 28.80 -18.23
CA PRO B 115 4.32 28.70 -19.04
C PRO B 115 4.04 27.31 -19.63
N VAL B 116 5.09 26.54 -19.92
CA VAL B 116 4.90 25.24 -20.57
C VAL B 116 4.05 24.34 -19.68
N VAL B 117 4.22 24.47 -18.34
CA VAL B 117 3.54 23.62 -17.38
C VAL B 117 2.04 23.95 -17.34
N THR B 118 1.69 25.24 -17.50
CA THR B 118 0.31 25.66 -17.39
C THR B 118 -0.30 25.95 -18.76
N ALA B 119 0.44 25.63 -19.84
CA ALA B 119 0.00 25.91 -21.20
C ALA B 119 -0.31 27.40 -21.39
N ASP B 120 0.57 28.26 -20.86
N ASP B 120 0.57 28.26 -20.86
N ASP B 120 0.59 28.23 -20.86
CA ASP B 120 0.49 29.70 -21.03
CA ASP B 120 0.46 29.70 -21.06
CA ASP B 120 0.56 29.69 -20.91
C ASP B 120 -0.75 30.28 -20.33
C ASP B 120 -0.72 30.30 -20.29
C ASP B 120 -0.78 30.24 -20.39
N LEU B 121 -1.46 29.46 -19.54
CA LEU B 121 -2.67 29.92 -18.85
C LEU B 121 -2.28 30.70 -17.60
N PRO B 122 -3.16 31.61 -17.10
CA PRO B 122 -2.93 32.29 -15.83
C PRO B 122 -3.37 31.50 -14.59
N THR B 123 -3.81 30.25 -14.81
CA THR B 123 -4.17 29.38 -13.70
C THR B 123 -3.20 28.21 -13.64
N VAL B 124 -3.23 27.49 -12.51
CA VAL B 124 -2.44 26.31 -12.31
C VAL B 124 -3.30 25.27 -11.59
N ALA B 125 -3.21 24.02 -12.06
CA ALA B 125 -3.86 22.90 -11.40
C ALA B 125 -2.92 22.34 -10.34
N VAL B 126 -3.44 22.18 -9.12
CA VAL B 126 -2.65 21.74 -7.99
C VAL B 126 -3.27 20.49 -7.39
N ARG B 127 -2.42 19.55 -6.96
CA ARG B 127 -2.89 18.35 -6.32
C ARG B 127 -1.91 17.91 -5.24
N MET B 128 -2.46 17.49 -4.10
CA MET B 128 -1.67 16.94 -3.02
C MET B 128 -2.03 15.47 -2.92
N PRO B 129 -1.23 14.56 -3.51
CA PRO B 129 -1.60 13.16 -3.62
C PRO B 129 -1.55 12.42 -2.30
N ALA B 130 -2.55 11.59 -2.04
CA ALA B 130 -2.54 10.71 -0.88
C ALA B 130 -1.91 9.37 -1.24
N HIS B 131 -0.60 9.41 -1.51
CA HIS B 131 0.20 8.21 -1.69
C HIS B 131 1.54 8.49 -1.00
N PRO B 132 1.94 7.72 0.02
CA PRO B 132 3.22 7.95 0.70
C PRO B 132 4.42 8.01 -0.24
N VAL B 133 4.41 7.23 -1.32
CA VAL B 133 5.50 7.26 -2.29
C VAL B 133 5.59 8.65 -2.92
N ALA B 134 4.44 9.17 -3.39
CA ALA B 134 4.45 10.45 -4.08
C ALA B 134 4.81 11.57 -3.11
N LEU B 135 4.24 11.53 -1.89
CA LEU B 135 4.44 12.59 -0.89
CA LEU B 135 4.43 12.60 -0.91
C LEU B 135 5.91 12.65 -0.48
N LYS B 136 6.48 11.47 -0.17
CA LYS B 136 7.86 11.39 0.28
C LYS B 136 8.79 11.78 -0.87
N LEU B 137 8.43 11.41 -2.10
CA LEU B 137 9.27 11.76 -3.26
C LEU B 137 9.33 13.27 -3.41
N ILE B 138 8.16 13.93 -3.37
CA ILE B 138 8.10 15.37 -3.54
C ILE B 138 8.89 16.06 -2.43
N GLU B 139 8.72 15.56 -1.19
CA GLU B 139 9.43 16.13 -0.05
C GLU B 139 10.94 16.04 -0.31
N LEU B 140 11.42 14.80 -0.53
CA LEU B 140 12.84 14.55 -0.72
C LEU B 140 13.39 15.41 -1.85
N PHE B 141 12.64 15.50 -2.94
CA PHE B 141 13.11 16.21 -4.12
C PHE B 141 13.20 17.70 -3.86
N GLY B 142 12.15 18.24 -3.23
CA GLY B 142 12.17 19.59 -2.67
C GLY B 142 11.56 20.63 -3.59
N HIS B 143 11.10 20.20 -4.77
CA HIS B 143 10.26 21.01 -5.64
C HIS B 143 8.93 20.30 -5.86
N PRO B 144 7.88 21.01 -6.30
CA PRO B 144 6.71 20.34 -6.85
C PRO B 144 7.04 19.56 -8.11
N ILE B 145 6.22 18.54 -8.40
CA ILE B 145 6.41 17.74 -9.59
C ILE B 145 5.19 17.95 -10.49
N ALA B 146 5.46 18.48 -11.69
CA ALA B 146 4.47 18.57 -12.75
C ALA B 146 4.33 17.19 -13.39
N ALA B 147 3.10 16.67 -13.46
CA ALA B 147 2.90 15.32 -13.98
C ALA B 147 1.47 15.12 -14.46
N PRO B 148 1.29 14.78 -15.76
CA PRO B 148 0.06 14.16 -16.21
C PRO B 148 0.04 12.67 -15.89
N SER B 149 -1.06 12.00 -16.25
CA SER B 149 -1.14 10.55 -16.17
C SER B 149 -0.03 9.92 -17.00
N ALA B 150 0.47 8.76 -16.54
CA ALA B 150 1.50 8.04 -17.26
C ALA B 150 0.85 7.20 -18.37
N ASN B 151 0.82 7.76 -19.58
CA ASN B 151 0.39 7.03 -20.76
C ASN B 151 0.74 7.86 -21.98
N ILE B 152 0.90 7.19 -23.13
CA ILE B 152 0.87 7.89 -24.41
C ILE B 152 -0.47 8.61 -24.49
N SER B 153 -0.45 9.85 -25.00
CA SER B 153 -1.65 10.66 -25.04
C SER B 153 -2.75 9.92 -25.78
N GLY B 154 -3.97 9.97 -25.22
CA GLY B 154 -5.14 9.35 -25.82
C GLY B 154 -5.33 7.89 -25.40
N ARG B 155 -4.34 7.30 -24.73
CA ARG B 155 -4.42 5.90 -24.30
C ARG B 155 -4.87 5.85 -22.84
N PRO B 156 -5.36 4.69 -22.35
CA PRO B 156 -5.76 4.56 -20.96
C PRO B 156 -4.62 4.85 -20.00
N SER B 157 -4.92 5.65 -18.97
CA SER B 157 -3.99 5.97 -17.90
C SER B 157 -3.48 4.69 -17.24
N ALA B 158 -2.15 4.58 -17.10
CA ALA B 158 -1.56 3.41 -16.48
C ALA B 158 -1.97 3.33 -15.01
N THR B 159 -2.43 2.15 -14.59
CA THR B 159 -2.75 1.87 -13.19
C THR B 159 -1.86 0.78 -12.63
N ASN B 160 -0.94 0.25 -13.46
CA ASN B 160 0.08 -0.67 -12.96
C ASN B 160 1.32 -0.56 -13.85
N VAL B 161 2.43 -1.17 -13.41
CA VAL B 161 3.71 -1.01 -14.07
C VAL B 161 3.71 -1.74 -15.42
N LYS B 162 2.94 -2.81 -15.55
CA LYS B 162 2.80 -3.47 -16.85
C LYS B 162 2.39 -2.45 -17.91
N HIS B 163 1.40 -1.61 -17.58
CA HIS B 163 0.89 -0.65 -18.54
C HIS B 163 1.92 0.43 -18.80
N VAL B 164 2.59 0.85 -17.73
CA VAL B 164 3.64 1.84 -17.86
C VAL B 164 4.70 1.30 -18.82
N ILE B 165 5.09 0.05 -18.63
CA ILE B 165 6.13 -0.57 -19.44
C ILE B 165 5.70 -0.60 -20.91
N GLU B 166 4.43 -0.93 -21.18
CA GLU B 166 3.93 -0.95 -22.54
C GLU B 166 4.20 0.39 -23.23
N ASP B 167 3.99 1.50 -22.51
CA ASP B 167 4.03 2.81 -23.13
C ASP B 167 5.43 3.42 -23.11
N PHE B 168 6.29 3.04 -22.14
CA PHE B 168 7.46 3.86 -21.87
C PHE B 168 8.76 3.08 -21.71
N MET B 169 8.76 1.76 -21.90
CA MET B 169 10.01 1.02 -21.79
C MET B 169 10.99 1.59 -22.82
N GLY B 170 12.20 1.88 -22.36
CA GLY B 170 13.25 2.40 -23.21
C GLY B 170 13.13 3.91 -23.43
N LYS B 171 12.12 4.54 -22.82
CA LYS B 171 11.87 5.96 -23.06
C LYS B 171 12.13 6.81 -21.82
N VAL B 172 11.89 6.25 -20.63
N VAL B 172 11.99 6.20 -20.64
CA VAL B 172 12.17 6.98 -19.41
CA VAL B 172 12.09 6.87 -19.36
C VAL B 172 13.23 6.22 -18.63
C VAL B 172 13.16 6.18 -18.52
N LYS B 173 14.00 6.95 -17.83
CA LYS B 173 15.15 6.41 -17.12
C LYS B 173 14.69 5.61 -15.91
N LEU B 174 13.53 5.96 -15.32
CA LEU B 174 13.11 5.35 -14.07
C LEU B 174 11.59 5.28 -13.94
N ILE B 175 11.12 4.09 -13.53
CA ILE B 175 9.75 3.82 -13.13
C ILE B 175 9.78 3.32 -11.70
N ILE B 176 9.06 4.01 -10.80
CA ILE B 176 8.87 3.49 -9.45
C ILE B 176 7.60 2.64 -9.47
N ASP B 177 7.72 1.38 -9.05
CA ASP B 177 6.61 0.43 -9.05
C ASP B 177 6.12 0.24 -7.63
N ALA B 178 4.86 0.62 -7.36
CA ALA B 178 4.25 0.40 -6.06
C ALA B 178 2.96 -0.37 -6.20
N GLY B 179 2.87 -1.18 -7.27
CA GLY B 179 1.71 -2.02 -7.51
C GLY B 179 0.57 -1.26 -8.19
N ASP B 180 -0.60 -1.88 -8.18
CA ASP B 180 -1.82 -1.34 -8.75
C ASP B 180 -2.26 -0.11 -7.97
N THR B 181 -2.62 0.96 -8.68
CA THR B 181 -3.05 2.17 -8.01
C THR B 181 -4.39 1.90 -7.32
N PRO B 182 -4.57 2.43 -6.09
CA PRO B 182 -5.80 2.25 -5.32
C PRO B 182 -7.11 2.50 -6.09
N PHE B 183 -7.27 3.69 -6.67
CA PHE B 183 -8.57 4.08 -7.22
C PHE B 183 -8.73 3.66 -8.69
N GLY B 184 -7.65 3.71 -9.48
CA GLY B 184 -7.69 3.30 -10.87
C GLY B 184 -8.13 4.41 -11.82
N LEU B 185 -8.54 5.56 -11.25
CA LEU B 185 -9.07 6.68 -12.01
C LEU B 185 -8.43 7.97 -11.53
N GLU B 186 -8.36 8.94 -12.42
CA GLU B 186 -7.69 10.20 -12.16
C GLU B 186 -8.51 11.05 -11.19
N SER B 187 -7.81 11.96 -10.50
CA SER B 187 -8.40 12.83 -9.49
C SER B 187 -9.59 13.62 -10.03
N THR B 188 -10.59 13.84 -9.16
CA THR B 188 -11.59 14.87 -9.41
C THR B 188 -10.88 16.21 -9.59
N ILE B 189 -11.27 16.97 -10.62
CA ILE B 189 -10.75 18.32 -10.83
C ILE B 189 -11.88 19.32 -10.61
N VAL B 190 -11.64 20.28 -9.71
CA VAL B 190 -12.56 21.38 -9.47
C VAL B 190 -11.85 22.70 -9.71
N ASP B 191 -12.47 23.57 -10.52
CA ASP B 191 -11.97 24.90 -10.77
C ASP B 191 -12.57 25.85 -9.75
N LEU B 192 -11.72 26.57 -8.99
CA LEU B 192 -12.18 27.46 -7.95
C LEU B 192 -11.82 28.90 -8.27
N THR B 193 -11.57 29.22 -9.55
CA THR B 193 -11.16 30.57 -9.92
C THR B 193 -12.36 31.40 -10.36
N LYS B 194 -13.54 30.79 -10.51
CA LYS B 194 -14.71 31.49 -11.02
C LYS B 194 -15.70 31.71 -9.88
N GLU B 195 -16.68 32.57 -10.16
CA GLU B 195 -17.78 32.89 -9.24
C GLU B 195 -18.30 31.61 -8.60
N LYS B 196 -18.73 30.66 -9.43
CA LYS B 196 -19.22 29.37 -8.94
C LYS B 196 -18.17 28.30 -9.24
N PRO B 197 -17.96 27.30 -8.35
CA PRO B 197 -17.03 26.22 -8.63
C PRO B 197 -17.50 25.33 -9.78
N VAL B 198 -16.56 24.92 -10.65
CA VAL B 198 -16.83 24.15 -11.85
C VAL B 198 -16.16 22.78 -11.73
N LEU B 199 -16.94 21.71 -11.88
CA LEU B 199 -16.40 20.37 -12.02
C LEU B 199 -15.84 20.18 -13.43
N LEU B 200 -14.52 20.00 -13.56
CA LEU B 200 -13.90 19.86 -14.87
C LEU B 200 -13.67 18.39 -15.21
N ARG B 201 -13.60 17.52 -14.20
CA ARG B 201 -13.41 16.10 -14.44
C ARG B 201 -13.88 15.34 -13.21
N PRO B 202 -14.80 14.36 -13.35
CA PRO B 202 -15.19 13.56 -12.21
C PRO B 202 -14.10 12.57 -11.84
N GLY B 203 -14.05 12.22 -10.55
CA GLY B 203 -13.06 11.32 -10.04
C GLY B 203 -13.51 10.73 -8.70
N PRO B 204 -12.56 10.22 -7.88
CA PRO B 204 -12.90 9.58 -6.62
C PRO B 204 -13.52 10.51 -5.57
N VAL B 205 -13.34 11.83 -5.71
CA VAL B 205 -14.14 12.78 -4.95
C VAL B 205 -15.47 12.97 -5.68
N GLU B 206 -16.53 12.34 -5.14
CA GLU B 206 -17.79 12.17 -5.83
C GLU B 206 -18.51 13.50 -6.02
N VAL B 207 -19.19 13.64 -7.16
CA VAL B 207 -19.95 14.83 -7.51
C VAL B 207 -20.95 15.17 -6.40
N GLU B 208 -21.58 14.13 -5.84
CA GLU B 208 -22.60 14.27 -4.82
C GLU B 208 -22.02 14.93 -3.58
N ARG B 209 -20.81 14.50 -3.19
CA ARG B 209 -20.13 15.07 -2.04
C ARG B 209 -19.85 16.55 -2.33
N LEU B 210 -19.40 16.83 -3.55
CA LEU B 210 -19.07 18.19 -3.94
C LEU B 210 -20.30 19.09 -3.96
N LYS B 211 -21.46 18.55 -4.36
CA LYS B 211 -22.68 19.34 -4.45
C LYS B 211 -23.15 19.74 -3.05
N GLU B 212 -23.00 18.83 -2.07
CA GLU B 212 -23.29 19.09 -0.68
C GLU B 212 -22.48 20.29 -0.19
N LEU B 213 -21.19 20.33 -0.56
CA LEU B 213 -20.29 21.38 -0.12
C LEU B 213 -20.45 22.63 -0.96
N PHE B 214 -20.77 22.47 -2.24
CA PHE B 214 -20.87 23.59 -3.18
C PHE B 214 -22.19 23.46 -3.93
N PRO B 215 -23.31 23.99 -3.37
CA PRO B 215 -24.61 23.82 -4.01
C PRO B 215 -24.70 24.45 -5.40
N GLU B 216 -23.86 25.45 -5.69
CA GLU B 216 -23.85 26.07 -7.01
C GLU B 216 -22.87 25.40 -7.98
N LEU B 217 -22.39 24.18 -7.66
CA LEU B 217 -21.41 23.50 -8.48
C LEU B 217 -21.92 23.40 -9.92
N VAL B 218 -21.12 23.92 -10.86
CA VAL B 218 -21.47 23.82 -12.28
C VAL B 218 -20.79 22.57 -12.85
N VAL B 219 -21.60 21.73 -13.51
CA VAL B 219 -21.16 20.54 -14.19
C VAL B 219 -21.34 20.78 -15.69
N PRO B 220 -20.29 21.18 -16.42
CA PRO B 220 -20.43 21.50 -17.82
C PRO B 220 -20.86 20.29 -18.65
N ASP B 221 -21.37 20.60 -19.86
CA ASP B 221 -21.88 19.60 -20.77
C ASP B 221 -20.80 18.55 -21.07
N PHE B 222 -19.56 18.99 -21.28
CA PHE B 222 -18.50 18.10 -21.74
C PHE B 222 -18.21 17.02 -20.68
N VAL B 223 -18.51 17.30 -19.41
CA VAL B 223 -18.34 16.32 -18.36
C VAL B 223 -19.43 15.26 -18.42
N ARG B 224 -20.68 15.69 -18.61
N ARG B 224 -20.68 15.69 -18.61
CA ARG B 224 -21.82 14.74 -18.59
CA ARG B 224 -21.82 14.74 -18.61
C ARG B 224 -21.84 13.89 -19.87
C ARG B 224 -21.83 13.88 -19.87
N LYS B 225 -21.42 14.47 -20.99
CA LYS B 225 -21.44 13.74 -22.27
C LYS B 225 -20.12 13.94 -23.00
N GLY B 226 -19.12 13.10 -22.69
CA GLY B 226 -17.81 13.22 -23.35
C GLY B 226 -17.57 14.61 -23.90
N ARG B 240 -10.93 10.56 -29.60
CA ARG B 240 -11.10 9.67 -28.43
C ARG B 240 -10.05 10.02 -27.37
N HIS B 241 -10.30 9.56 -26.12
CA HIS B 241 -9.35 9.73 -25.02
C HIS B 241 -9.57 8.55 -24.08
N TYR B 242 -8.52 8.12 -23.37
CA TYR B 242 -8.55 6.90 -22.57
C TYR B 242 -8.87 5.70 -23.47
N ALA B 243 -8.40 5.80 -24.71
CA ALA B 243 -8.96 5.03 -25.81
C ALA B 243 -8.16 3.74 -26.00
N PRO B 244 -8.82 2.55 -26.06
CA PRO B 244 -8.17 1.35 -26.56
C PRO B 244 -8.02 1.31 -28.08
N LEU B 245 -7.26 0.32 -28.57
CA LEU B 245 -6.86 0.22 -29.97
C LEU B 245 -7.86 -0.59 -30.79
N LYS B 246 -9.10 -0.66 -30.30
CA LYS B 246 -10.18 -1.33 -30.99
C LYS B 246 -11.42 -0.45 -30.88
N PRO B 247 -12.43 -0.63 -31.77
CA PRO B 247 -13.70 0.05 -31.56
C PRO B 247 -14.29 -0.35 -30.22
N LEU B 248 -14.88 0.63 -29.53
N LEU B 248 -14.91 0.63 -29.55
CA LEU B 248 -15.47 0.43 -28.21
CA LEU B 248 -15.47 0.42 -28.22
C LEU B 248 -16.95 0.83 -28.28
C LEU B 248 -16.93 0.84 -28.25
N ILE B 249 -17.84 -0.13 -28.03
CA ILE B 249 -19.28 0.10 -28.04
C ILE B 249 -19.77 0.19 -26.59
N LEU B 250 -20.17 1.40 -26.18
CA LEU B 250 -20.67 1.62 -24.84
C LEU B 250 -22.19 1.51 -24.87
N VAL B 251 -22.72 0.51 -24.17
CA VAL B 251 -24.15 0.24 -24.16
C VAL B 251 -24.79 0.80 -22.90
N GLU B 252 -25.26 2.06 -23.00
CA GLU B 252 -25.94 2.74 -21.90
C GLU B 252 -27.29 2.07 -21.63
N ASP B 253 -28.02 1.69 -22.68
CA ASP B 253 -29.28 0.99 -22.50
C ASP B 253 -29.07 -0.52 -22.63
N LEU B 254 -29.06 -1.22 -21.48
CA LEU B 254 -28.74 -2.64 -21.46
C LEU B 254 -29.86 -3.50 -22.06
N THR B 255 -31.06 -2.94 -22.26
CA THR B 255 -32.12 -3.69 -22.91
C THR B 255 -31.73 -3.94 -24.37
N LYS B 256 -30.88 -3.07 -24.92
CA LYS B 256 -30.40 -3.20 -26.29
C LYS B 256 -29.14 -4.06 -26.45
N MET B 257 -28.66 -4.67 -25.35
N MET B 257 -28.65 -4.68 -25.36
CA MET B 257 -27.40 -5.41 -25.34
CA MET B 257 -27.37 -5.38 -25.41
C MET B 257 -27.47 -6.57 -26.32
C MET B 257 -27.46 -6.59 -26.35
N GLU B 258 -28.55 -7.36 -26.26
CA GLU B 258 -28.73 -8.55 -27.09
C GLU B 258 -28.65 -8.18 -28.57
N GLU B 259 -29.23 -7.03 -28.96
CA GLU B 259 -29.16 -6.57 -30.34
C GLU B 259 -27.74 -6.15 -30.70
N VAL B 260 -27.02 -5.53 -29.75
CA VAL B 260 -25.67 -5.05 -29.99
C VAL B 260 -24.74 -6.24 -30.26
N LEU B 261 -24.90 -7.33 -29.49
CA LEU B 261 -24.08 -8.51 -29.62
C LEU B 261 -24.34 -9.20 -30.97
N LYS B 262 -25.59 -9.15 -31.45
CA LYS B 262 -25.94 -9.70 -32.74
C LYS B 262 -25.33 -8.85 -33.85
N LYS B 263 -25.38 -7.53 -33.71
CA LYS B 263 -24.88 -6.63 -34.74
C LYS B 263 -23.35 -6.69 -34.81
N TYR B 264 -22.71 -7.08 -33.70
CA TYR B 264 -21.25 -7.07 -33.60
C TYR B 264 -20.80 -8.36 -32.93
N PRO B 265 -20.94 -9.51 -33.61
CA PRO B 265 -20.74 -10.82 -32.99
C PRO B 265 -19.28 -11.16 -32.70
N ASP B 266 -18.35 -10.45 -33.34
CA ASP B 266 -16.93 -10.65 -33.08
C ASP B 266 -16.49 -9.67 -32.00
N HIS B 267 -16.61 -10.09 -30.73
CA HIS B 267 -16.53 -9.14 -29.63
C HIS B 267 -15.97 -9.78 -28.37
N VAL B 268 -15.51 -8.90 -27.47
CA VAL B 268 -15.36 -9.26 -26.07
C VAL B 268 -16.17 -8.24 -25.29
N VAL B 269 -16.89 -8.71 -24.29
CA VAL B 269 -17.72 -7.84 -23.47
C VAL B 269 -16.98 -7.56 -22.16
N ILE B 270 -16.94 -6.28 -21.77
CA ILE B 270 -16.48 -5.89 -20.45
C ILE B 270 -17.73 -5.71 -19.59
N CYS B 271 -17.83 -6.50 -18.53
CA CYS B 271 -19.08 -6.63 -17.79
C CYS B 271 -18.83 -6.75 -16.29
N VAL B 272 -19.92 -6.66 -15.53
CA VAL B 272 -19.87 -6.80 -14.08
C VAL B 272 -20.04 -8.28 -13.73
N GLU B 273 -19.61 -8.61 -12.51
CA GLU B 273 -19.64 -9.96 -11.96
C GLU B 273 -21.06 -10.52 -12.03
N GLU B 274 -22.03 -9.66 -11.69
CA GLU B 274 -23.41 -10.08 -11.53
C GLU B 274 -24.04 -10.46 -12.87
N ARG B 275 -23.39 -10.12 -14.00
CA ARG B 275 -23.95 -10.39 -15.31
C ARG B 275 -22.99 -11.23 -16.18
N LYS B 276 -22.00 -11.89 -15.57
CA LYS B 276 -20.91 -12.49 -16.32
C LYS B 276 -21.40 -13.72 -17.07
N GLU B 277 -22.47 -14.34 -16.54
CA GLU B 277 -23.03 -15.56 -17.09
C GLU B 277 -23.77 -15.27 -18.41
N LEU B 278 -24.07 -13.99 -18.68
CA LEU B 278 -24.85 -13.62 -19.86
C LEU B 278 -23.98 -13.65 -21.12
N TYR B 279 -22.67 -13.88 -20.98
CA TYR B 279 -21.75 -13.64 -22.09
C TYR B 279 -20.75 -14.78 -22.21
N ASP B 280 -20.44 -15.14 -23.47
CA ASP B 280 -19.52 -16.22 -23.75
C ASP B 280 -18.09 -15.70 -23.69
N ASP B 281 -17.88 -14.48 -24.19
CA ASP B 281 -16.57 -13.86 -24.24
C ASP B 281 -16.59 -12.56 -23.44
N ARG B 282 -16.08 -12.60 -22.21
CA ARG B 282 -16.18 -11.42 -21.36
C ARG B 282 -14.97 -11.27 -20.45
N ILE B 283 -14.65 -10.00 -20.17
CA ILE B 283 -13.76 -9.63 -19.07
C ILE B 283 -14.63 -9.04 -17.97
N VAL B 284 -14.52 -9.60 -16.76
CA VAL B 284 -15.27 -9.10 -15.62
C VAL B 284 -14.47 -7.97 -15.00
N VAL B 285 -14.95 -6.73 -15.13
CA VAL B 285 -14.17 -5.59 -14.67
C VAL B 285 -14.27 -5.45 -13.15
N GLY B 286 -15.37 -5.92 -12.56
CA GLY B 286 -15.61 -5.82 -11.13
C GLY B 286 -17.08 -6.13 -10.82
N SER B 287 -17.56 -5.74 -9.63
CA SER B 287 -18.94 -6.00 -9.23
C SER B 287 -19.70 -4.70 -8.96
N LEU B 288 -21.01 -4.74 -9.19
CA LEU B 288 -21.90 -3.67 -8.78
C LEU B 288 -21.99 -3.59 -7.24
N LYS B 289 -21.74 -4.72 -6.57
CA LYS B 289 -21.71 -4.78 -5.12
C LYS B 289 -20.61 -3.87 -4.57
N ASN B 290 -19.40 -3.92 -5.18
CA ASN B 290 -18.31 -3.04 -4.77
C ASN B 290 -17.93 -2.17 -5.98
N PRO B 291 -18.64 -1.07 -6.26
CA PRO B 291 -18.40 -0.32 -7.48
C PRO B 291 -17.00 0.30 -7.60
N TYR B 292 -16.25 0.40 -6.48
CA TYR B 292 -14.88 0.90 -6.51
C TYR B 292 -14.01 -0.12 -7.26
N SER B 293 -14.40 -1.39 -7.23
CA SER B 293 -13.71 -2.45 -7.94
C SER B 293 -13.74 -2.18 -9.44
N ILE B 294 -14.85 -1.62 -9.93
CA ILE B 294 -15.02 -1.33 -11.33
C ILE B 294 -14.10 -0.19 -11.73
N ALA B 295 -14.10 0.88 -10.94
CA ALA B 295 -13.23 2.03 -11.19
C ALA B 295 -11.76 1.61 -11.16
N GLN B 296 -11.44 0.73 -10.23
CA GLN B 296 -10.08 0.28 -10.01
C GLN B 296 -9.52 -0.50 -11.22
N ASN B 297 -10.37 -1.21 -11.96
CA ASN B 297 -9.91 -2.15 -12.99
C ASN B 297 -10.28 -1.77 -14.42
N ILE B 298 -11.03 -0.68 -14.65
CA ILE B 298 -11.58 -0.44 -15.97
C ILE B 298 -10.46 -0.15 -16.97
N PHE B 299 -9.44 0.62 -16.58
CA PHE B 299 -8.36 0.92 -17.51
C PHE B 299 -7.60 -0.38 -17.81
N SER B 300 -7.34 -1.23 -16.81
CA SER B 300 -6.70 -2.52 -17.04
C SER B 300 -7.52 -3.38 -17.99
N ALA B 301 -8.84 -3.44 -17.76
CA ALA B 301 -9.72 -4.26 -18.58
C ALA B 301 -9.64 -3.83 -20.04
N LEU B 302 -9.57 -2.52 -20.28
CA LEU B 302 -9.47 -2.01 -21.65
C LEU B 302 -8.16 -2.46 -22.29
N ARG B 303 -7.06 -2.38 -21.54
CA ARG B 303 -5.76 -2.76 -22.07
C ARG B 303 -5.71 -4.27 -22.33
N GLU B 304 -6.36 -5.04 -21.47
CA GLU B 304 -6.48 -6.48 -21.66
C GLU B 304 -7.32 -6.77 -22.91
N ALA B 305 -8.41 -6.03 -23.11
CA ALA B 305 -9.32 -6.26 -24.22
C ALA B 305 -8.62 -6.02 -25.56
N GLU B 306 -7.82 -4.95 -25.62
CA GLU B 306 -7.23 -4.52 -26.87
C GLU B 306 -6.09 -5.45 -27.33
N LYS B 307 -5.67 -6.40 -26.48
CA LYS B 307 -4.68 -7.39 -26.86
C LYS B 307 -5.33 -8.65 -27.41
N MET B 308 -6.66 -8.72 -27.37
N MET B 308 -6.67 -8.75 -27.32
CA MET B 308 -7.39 -9.89 -27.82
CA MET B 308 -7.40 -9.91 -27.79
C MET B 308 -7.64 -9.82 -29.32
C MET B 308 -7.61 -9.83 -29.30
N GLY B 309 -7.98 -10.97 -29.90
CA GLY B 309 -8.27 -11.06 -31.32
C GLY B 309 -9.68 -10.60 -31.65
N LYS B 310 -10.58 -10.58 -30.66
CA LYS B 310 -11.94 -10.11 -30.87
C LYS B 310 -11.92 -8.70 -31.45
N GLU B 311 -12.74 -8.47 -32.48
CA GLU B 311 -12.71 -7.21 -33.20
C GLU B 311 -13.20 -6.06 -32.32
N TYR B 312 -14.34 -6.28 -31.66
CA TYR B 312 -15.06 -5.22 -30.96
C TYR B 312 -14.89 -5.38 -29.44
N ILE B 313 -14.67 -4.26 -28.76
CA ILE B 313 -14.88 -4.21 -27.33
C ILE B 313 -16.28 -3.66 -27.05
N ILE B 314 -17.07 -4.41 -26.28
CA ILE B 314 -18.41 -3.98 -25.92
C ILE B 314 -18.46 -3.85 -24.40
N VAL B 315 -18.80 -2.64 -23.93
CA VAL B 315 -18.78 -2.34 -22.50
C VAL B 315 -20.19 -2.06 -22.00
N GLU B 316 -20.57 -2.76 -20.93
CA GLU B 316 -21.80 -2.45 -20.20
C GLU B 316 -21.73 -1.04 -19.63
N GLY B 317 -22.82 -0.28 -19.83
CA GLY B 317 -23.00 1.03 -19.22
C GLY B 317 -23.26 0.90 -17.72
N PHE B 318 -22.96 1.97 -16.98
CA PHE B 318 -23.14 1.97 -15.53
C PHE B 318 -24.01 3.16 -15.11
N GLU B 319 -24.57 3.05 -13.90
CA GLU B 319 -25.31 4.12 -13.23
C GLU B 319 -24.45 5.39 -13.17
N GLU B 320 -25.00 6.52 -13.61
CA GLU B 320 -24.26 7.78 -13.69
C GLU B 320 -24.27 8.45 -12.30
N ARG B 321 -23.69 7.75 -11.31
CA ARG B 321 -23.74 8.16 -9.90
C ARG B 321 -22.52 7.61 -9.18
N GLY B 322 -22.09 8.34 -8.13
CA GLY B 322 -20.95 7.91 -7.33
C GLY B 322 -19.70 7.78 -8.19
N ILE B 323 -18.88 6.77 -7.89
CA ILE B 323 -17.64 6.55 -8.61
C ILE B 323 -17.94 6.17 -10.06
N LEU B 324 -19.10 5.51 -10.28
CA LEU B 324 -19.47 5.08 -11.62
C LEU B 324 -19.77 6.26 -12.54
N PHE B 325 -20.06 7.44 -11.98
CA PHE B 325 -20.17 8.64 -12.78
C PHE B 325 -18.82 8.93 -13.46
N ALA B 326 -17.72 8.76 -12.72
CA ALA B 326 -16.39 8.97 -13.27
C ALA B 326 -16.06 7.88 -14.29
N VAL B 327 -16.41 6.63 -13.99
CA VAL B 327 -16.15 5.54 -14.91
C VAL B 327 -16.81 5.85 -16.25
N MET B 328 -18.08 6.28 -16.22
CA MET B 328 -18.84 6.54 -17.43
C MET B 328 -18.29 7.73 -18.18
N ASN B 329 -17.76 8.72 -17.46
CA ASN B 329 -17.14 9.87 -18.10
C ASN B 329 -15.95 9.40 -18.95
N ARG B 330 -15.16 8.46 -18.42
CA ARG B 330 -13.99 7.94 -19.13
C ARG B 330 -14.44 7.13 -20.34
N LEU B 331 -15.38 6.21 -20.13
CA LEU B 331 -15.89 5.36 -21.19
C LEU B 331 -16.52 6.17 -22.33
N ARG B 332 -17.30 7.21 -22.01
CA ARG B 332 -17.92 8.01 -23.05
C ARG B 332 -16.86 8.69 -23.91
N LYS B 333 -15.76 9.11 -23.29
CA LYS B 333 -14.67 9.78 -24.06
C LYS B 333 -13.92 8.74 -24.91
N ALA B 334 -13.98 7.47 -24.54
CA ALA B 334 -13.23 6.42 -25.22
C ALA B 334 -14.04 5.75 -26.32
N ALA B 335 -15.37 5.79 -26.22
CA ALA B 335 -16.25 5.01 -27.06
C ALA B 335 -16.20 5.50 -28.51
N THR B 336 -16.31 4.56 -29.46
CA THR B 336 -16.49 4.89 -30.85
C THR B 336 -17.98 4.93 -31.16
N GLU B 337 -18.79 4.23 -30.36
CA GLU B 337 -20.24 4.32 -30.48
C GLU B 337 -20.85 4.16 -29.08
N ILE B 338 -21.83 5.02 -28.78
CA ILE B 338 -22.64 4.92 -27.56
C ILE B 338 -24.06 4.52 -27.95
N VAL B 339 -24.57 3.44 -27.35
CA VAL B 339 -25.91 2.94 -27.63
C VAL B 339 -26.83 3.34 -26.47
N ARG B 340 -27.64 4.40 -26.69
CA ARG B 340 -28.47 4.96 -25.63
C ARG B 340 -29.91 4.41 -25.73
#